data_2AMJ
#
_entry.id   2AMJ
#
_cell.length_a   53.056
_cell.length_b   86.510
_cell.length_c   82.667
_cell.angle_alpha   90.00
_cell.angle_beta   93.85
_cell.angle_gamma   90.00
#
_symmetry.space_group_name_H-M   'P 1 21 1'
#
loop_
_entity.id
_entity.type
_entity.pdbx_description
1 polymer 'Modulator of drug activity B'
2 water water
#
_entity_poly.entity_id   1
_entity_poly.type   'polypeptide(L)'
_entity_poly.pdbx_seq_one_letter_code
;(MSE)GSSHHHHHHGSSNILIINGAKKFAHSNGQLNDTLTEVADGTLRDLGHDVRIVRADSDYDVKAEVQNFLWADVVIW
Q(MSE)PGWW(MSE)GAPWTVKKYIDDVFTEGHGTLYASDGRTRKDPSKKYGSGGLVQGKKY(MSE)LSLTWNAP(MSE)
EAFTEKDQFFHGVGVDGVYLPFHKANQFLG(MSE)EPLPTFIANDVIK(MSE)PDVPRYTEEYRKHLVEIFG
;
_entity_poly.pdbx_strand_id   A,B,C,D
#
# COMPACT_ATOMS: atom_id res chain seq x y z
N SER A 12 9.06 2.98 23.28
CA SER A 12 8.74 1.69 23.98
C SER A 12 7.28 1.70 24.42
N SER A 13 6.45 0.95 23.69
CA SER A 13 5.03 0.88 24.00
C SER A 13 4.58 -0.51 24.41
N ASN A 14 3.42 -0.57 25.06
CA ASN A 14 2.81 -1.81 25.49
C ASN A 14 1.89 -2.19 24.35
N ILE A 15 2.09 -3.35 23.75
CA ILE A 15 1.23 -3.74 22.65
C ILE A 15 0.44 -4.98 22.97
N LEU A 16 -0.86 -4.91 22.74
CA LEU A 16 -1.75 -6.04 22.97
C LEU A 16 -2.14 -6.62 21.62
N ILE A 17 -1.94 -7.91 21.43
CA ILE A 17 -2.30 -8.53 20.16
C ILE A 17 -3.46 -9.48 20.40
N ILE A 18 -4.57 -9.24 19.72
CA ILE A 18 -5.73 -10.10 19.83
C ILE A 18 -5.65 -11.02 18.63
N ASN A 19 -5.41 -12.30 18.89
CA ASN A 19 -5.28 -13.29 17.83
C ASN A 19 -6.65 -13.89 17.56
N GLY A 20 -7.21 -13.59 16.39
CA GLY A 20 -8.51 -14.10 16.02
C GLY A 20 -8.49 -15.41 15.27
N ALA A 21 -7.34 -16.09 15.32
CA ALA A 21 -7.18 -17.38 14.63
C ALA A 21 -8.24 -18.38 15.08
N LYS A 22 -8.82 -19.10 14.12
CA LYS A 22 -9.85 -20.11 14.41
C LYS A 22 -9.77 -21.26 13.41
N GLY A 29 -6.25 -22.44 11.48
CA GLY A 29 -5.95 -21.02 11.39
C GLY A 29 -4.50 -20.73 11.71
N GLN A 30 -3.62 -21.59 11.24
CA GLN A 30 -2.19 -21.44 11.49
C GLN A 30 -1.57 -20.15 10.95
N LEU A 31 -2.06 -19.64 9.82
CA LEU A 31 -1.47 -18.41 9.29
C LEU A 31 -1.57 -17.26 10.28
N ASN A 32 -2.76 -17.07 10.88
CA ASN A 32 -2.94 -16.02 11.86
C ASN A 32 -2.13 -16.28 13.12
N ASP A 33 -1.94 -17.56 13.46
CA ASP A 33 -1.12 -17.92 14.62
C ASP A 33 0.29 -17.50 14.28
N THR A 34 0.73 -17.86 13.07
CA THR A 34 2.07 -17.53 12.58
C THR A 34 2.31 -16.01 12.56
N LEU A 35 1.34 -15.27 12.05
CA LEU A 35 1.48 -13.82 11.98
C LEU A 35 1.46 -13.17 13.36
N THR A 36 0.80 -13.82 14.32
CA THR A 36 0.78 -13.30 15.67
C THR A 36 2.21 -13.42 16.21
N GLU A 37 2.83 -14.56 15.95
CA GLU A 37 4.22 -14.81 16.38
C GLU A 37 5.18 -13.80 15.78
N VAL A 38 5.01 -13.55 14.48
CA VAL A 38 5.85 -12.59 13.76
C VAL A 38 5.76 -11.22 14.43
N ALA A 39 4.54 -10.77 14.73
CA ALA A 39 4.35 -9.48 15.37
C ALA A 39 5.00 -9.47 16.75
N ASP A 40 4.78 -10.53 17.52
CA ASP A 40 5.35 -10.62 18.84
C ASP A 40 6.88 -10.57 18.85
N GLY A 41 7.49 -11.33 17.95
CA GLY A 41 8.94 -11.35 17.88
C GLY A 41 9.53 -10.04 17.41
N THR A 42 8.92 -9.44 16.40
CA THR A 42 9.40 -8.18 15.86
C THR A 42 9.25 -7.00 16.81
N LEU A 43 8.07 -6.87 17.41
CA LEU A 43 7.81 -5.77 18.33
C LEU A 43 8.70 -5.84 19.58
N ARG A 44 8.91 -7.04 20.12
CA ARG A 44 9.76 -7.15 21.30
C ARG A 44 11.20 -6.80 20.94
N ASP A 45 11.61 -7.18 19.73
CA ASP A 45 12.97 -6.89 19.28
C ASP A 45 13.18 -5.39 19.09
N LEU A 46 12.06 -4.65 19.01
CA LEU A 46 12.13 -3.21 18.85
C LEU A 46 12.00 -2.49 20.19
N GLY A 47 12.02 -3.28 21.28
CA GLY A 47 11.94 -2.72 22.62
C GLY A 47 10.57 -2.67 23.28
N HIS A 48 9.53 -3.10 22.58
CA HIS A 48 8.18 -3.05 23.13
C HIS A 48 7.81 -4.28 23.98
N ASP A 49 6.83 -4.11 24.86
CA ASP A 49 6.34 -5.21 25.67
C ASP A 49 5.13 -5.70 24.89
N VAL A 50 4.92 -7.02 24.86
CA VAL A 50 3.80 -7.58 24.12
C VAL A 50 2.99 -8.58 24.93
N ARG A 51 1.68 -8.57 24.71
CA ARG A 51 0.77 -9.51 25.36
C ARG A 51 -0.12 -10.06 24.26
N ILE A 52 -0.43 -11.36 24.35
CA ILE A 52 -1.26 -12.02 23.35
C ILE A 52 -2.47 -12.67 24.02
N VAL A 53 -3.63 -12.51 23.39
CA VAL A 53 -4.84 -13.15 23.90
C VAL A 53 -5.55 -13.76 22.71
N ARG A 54 -6.01 -14.99 22.87
CA ARG A 54 -6.71 -15.67 21.79
C ARG A 54 -8.19 -15.34 21.97
N ALA A 55 -8.79 -14.76 20.93
CA ALA A 55 -10.20 -14.39 21.01
C ALA A 55 -11.08 -15.62 21.18
N ASP A 56 -10.69 -16.71 20.52
CA ASP A 56 -11.44 -17.95 20.61
C ASP A 56 -10.97 -18.75 21.80
N SER A 57 -11.32 -18.28 22.99
CA SER A 57 -10.96 -18.94 24.24
C SER A 57 -11.97 -18.52 25.30
N ASP A 58 -11.84 -19.07 26.50
CA ASP A 58 -12.75 -18.73 27.59
C ASP A 58 -12.14 -17.61 28.42
N TYR A 59 -11.88 -16.47 27.78
CA TYR A 59 -11.30 -15.31 28.44
C TYR A 59 -12.16 -14.77 29.58
N ASP A 60 -11.53 -13.98 30.44
CA ASP A 60 -12.19 -13.34 31.58
C ASP A 60 -12.38 -11.87 31.18
N VAL A 61 -13.62 -11.40 31.12
CA VAL A 61 -13.85 -10.02 30.69
C VAL A 61 -13.14 -8.96 31.51
N LYS A 62 -13.03 -9.15 32.82
CA LYS A 62 -12.35 -8.14 33.62
C LYS A 62 -10.87 -8.11 33.28
N ALA A 63 -10.28 -9.28 33.08
CA ALA A 63 -8.86 -9.37 32.74
C ALA A 63 -8.58 -8.66 31.42
N GLU A 64 -9.47 -8.85 30.45
CA GLU A 64 -9.28 -8.22 29.14
C GLU A 64 -9.38 -6.71 29.20
N VAL A 65 -10.29 -6.19 30.02
CA VAL A 65 -10.44 -4.74 30.16
C VAL A 65 -9.11 -4.22 30.71
N GLN A 66 -8.52 -4.97 31.64
CA GLN A 66 -7.25 -4.55 32.22
C GLN A 66 -6.13 -4.60 31.17
N ASN A 67 -6.25 -5.50 30.18
CA ASN A 67 -5.25 -5.58 29.12
C ASN A 67 -5.35 -4.30 28.28
N PHE A 68 -6.57 -3.86 28.01
CA PHE A 68 -6.77 -2.66 27.21
C PHE A 68 -6.23 -1.42 27.90
N LEU A 69 -6.43 -1.32 29.20
CA LEU A 69 -5.94 -0.17 29.97
C LEU A 69 -4.41 -0.17 29.99
N TRP A 70 -3.83 -1.36 29.98
CA TRP A 70 -2.38 -1.55 29.97
C TRP A 70 -1.75 -1.20 28.62
N ALA A 71 -2.44 -1.59 27.56
CA ALA A 71 -1.93 -1.38 26.20
C ALA A 71 -1.90 0.05 25.68
N ASP A 72 -0.88 0.34 24.87
CA ASP A 72 -0.76 1.65 24.24
C ASP A 72 -1.28 1.45 22.82
N VAL A 73 -1.16 0.22 22.34
CA VAL A 73 -1.59 -0.16 21.00
C VAL A 73 -2.25 -1.54 21.01
N VAL A 74 -3.34 -1.68 20.27
CA VAL A 74 -4.04 -2.95 20.16
C VAL A 74 -4.03 -3.41 18.71
N ILE A 75 -3.45 -4.58 18.46
CA ILE A 75 -3.40 -5.14 17.11
C ILE A 75 -4.42 -6.26 16.97
N TRP A 76 -5.31 -6.13 16.00
CA TRP A 76 -6.31 -7.17 15.76
C TRP A 76 -5.83 -8.01 14.58
N GLN A 77 -5.25 -9.17 14.89
CA GLN A 77 -4.75 -10.10 13.89
C GLN A 77 -5.89 -11.08 13.61
N MSE A 78 -6.46 -11.03 12.41
CA MSE A 78 -7.59 -11.90 12.14
C MSE A 78 -7.88 -12.19 10.68
O MSE A 78 -7.52 -11.44 9.78
CB MSE A 78 -8.85 -11.28 12.76
CG MSE A 78 -9.01 -9.80 12.40
SE MSE A 78 -10.64 -9.00 13.08
CE MSE A 78 -10.34 -7.16 12.52
N PRO A 79 -8.52 -13.34 10.41
CA PRO A 79 -8.83 -13.66 9.02
C PRO A 79 -10.19 -13.05 8.72
N GLY A 80 -10.47 -12.83 7.45
CA GLY A 80 -11.76 -12.29 7.10
C GLY A 80 -12.71 -13.48 7.01
N TRP A 81 -13.79 -13.42 7.78
CA TRP A 81 -14.79 -14.49 7.76
C TRP A 81 -16.10 -13.84 7.35
N TRP A 82 -16.65 -14.27 6.23
CA TRP A 82 -17.90 -13.70 5.73
C TRP A 82 -17.90 -12.18 5.80
N MSE A 83 -16.86 -11.62 5.19
CA MSE A 83 -16.65 -10.18 5.06
C MSE A 83 -16.16 -9.42 6.29
O MSE A 83 -15.93 -8.21 6.22
CB MSE A 83 -17.92 -9.52 4.53
CG MSE A 83 -18.52 -10.21 3.30
SE MSE A 83 -17.25 -10.76 1.94
CE MSE A 83 -17.63 -12.66 1.93
N GLY A 84 -15.99 -10.11 7.42
CA GLY A 84 -15.53 -9.40 8.60
C GLY A 84 -14.89 -10.25 9.68
N ALA A 85 -14.98 -9.78 10.92
CA ALA A 85 -14.39 -10.50 12.03
C ALA A 85 -15.11 -11.80 12.33
N PRO A 86 -14.35 -12.87 12.66
CA PRO A 86 -14.98 -14.14 12.98
C PRO A 86 -15.92 -13.87 14.16
N TRP A 87 -16.97 -14.68 14.32
CA TRP A 87 -17.91 -14.46 15.42
C TRP A 87 -17.25 -14.45 16.81
N THR A 88 -16.14 -15.16 16.98
CA THR A 88 -15.47 -15.19 18.28
C THR A 88 -14.77 -13.88 18.58
N VAL A 89 -14.37 -13.16 17.53
CA VAL A 89 -13.74 -11.86 17.72
C VAL A 89 -14.85 -10.85 18.03
N LYS A 90 -15.98 -10.98 17.35
CA LYS A 90 -17.10 -10.06 17.59
C LYS A 90 -17.63 -10.30 19.00
N LYS A 91 -17.64 -11.57 19.44
CA LYS A 91 -18.13 -11.85 20.80
C LYS A 91 -17.12 -11.24 21.79
N TYR A 92 -15.83 -11.31 21.45
CA TYR A 92 -14.82 -10.73 22.32
C TYR A 92 -15.14 -9.24 22.48
N ILE A 93 -15.36 -8.56 21.37
CA ILE A 93 -15.69 -7.14 21.44
C ILE A 93 -16.97 -6.91 22.23
N ASP A 94 -18.05 -7.60 21.86
CA ASP A 94 -19.31 -7.44 22.57
C ASP A 94 -19.16 -7.67 24.08
N ASP A 95 -18.38 -8.67 24.47
CA ASP A 95 -18.17 -8.98 25.88
C ASP A 95 -17.28 -7.96 26.60
N VAL A 96 -16.06 -7.80 26.10
CA VAL A 96 -15.06 -6.92 26.71
C VAL A 96 -15.33 -5.42 26.59
N PHE A 97 -15.74 -4.96 25.42
CA PHE A 97 -16.02 -3.52 25.26
C PHE A 97 -17.17 -3.11 26.18
N THR A 98 -18.14 -4.00 26.35
CA THR A 98 -19.30 -3.71 27.19
C THR A 98 -18.88 -3.68 28.67
N GLU A 99 -18.05 -4.66 29.08
CA GLU A 99 -17.58 -4.70 30.47
C GLU A 99 -16.76 -3.41 30.70
N GLY A 100 -16.22 -2.90 29.61
CA GLY A 100 -15.42 -1.69 29.67
C GLY A 100 -16.20 -0.40 29.94
N HIS A 101 -17.52 -0.48 30.05
CA HIS A 101 -18.28 0.73 30.34
C HIS A 101 -17.76 1.24 31.69
N GLY A 102 -17.32 2.50 31.73
CA GLY A 102 -16.81 3.05 32.96
C GLY A 102 -15.29 3.09 33.02
N THR A 103 -14.64 2.45 32.05
CA THR A 103 -13.19 2.42 31.96
C THR A 103 -12.68 2.68 30.54
N LEU A 104 -13.29 2.02 29.56
CA LEU A 104 -12.89 2.21 28.16
C LEU A 104 -13.75 3.28 27.48
N TYR A 105 -15.01 3.39 27.90
CA TYR A 105 -15.91 4.41 27.37
C TYR A 105 -16.91 4.80 28.46
N ALA A 106 -17.39 6.03 28.38
CA ALA A 106 -18.33 6.53 29.38
C ALA A 106 -19.77 6.50 28.87
N SER A 107 -19.95 6.88 27.61
CA SER A 107 -21.26 6.90 26.97
C SER A 107 -21.01 7.08 25.49
N ASP A 108 -22.05 7.34 24.71
CA ASP A 108 -21.86 7.58 23.28
C ASP A 108 -21.42 9.03 23.09
N GLY A 109 -21.21 9.73 24.19
CA GLY A 109 -20.76 11.11 24.12
C GLY A 109 -21.82 12.19 24.21
N ARG A 110 -23.07 11.83 24.00
CA ARG A 110 -24.16 12.81 24.08
C ARG A 110 -24.61 13.05 25.51
N LYS A 118 -21.37 14.84 19.90
CA LYS A 118 -22.09 13.99 18.98
C LYS A 118 -21.81 12.53 19.29
N TYR A 119 -22.47 11.63 18.57
CA TYR A 119 -22.29 10.20 18.76
C TYR A 119 -20.84 9.80 18.49
N GLY A 120 -20.29 8.95 19.35
CA GLY A 120 -18.91 8.50 19.17
C GLY A 120 -17.84 9.26 19.92
N SER A 121 -18.24 10.32 20.63
CA SER A 121 -17.29 11.15 21.36
C SER A 121 -17.29 10.87 22.87
N GLY A 122 -17.69 9.66 23.27
CA GLY A 122 -17.73 9.35 24.69
C GLY A 122 -16.71 8.35 25.17
N GLY A 123 -15.60 8.19 24.45
CA GLY A 123 -14.57 7.25 24.85
C GLY A 123 -13.76 7.74 26.05
N LEU A 124 -13.02 6.84 26.67
CA LEU A 124 -12.20 7.19 27.82
C LEU A 124 -10.72 6.86 27.59
N VAL A 125 -10.41 6.25 26.46
CA VAL A 125 -9.01 5.91 26.18
C VAL A 125 -8.38 6.58 24.97
N GLN A 126 -8.65 7.87 24.81
CA GLN A 126 -8.05 8.63 23.72
C GLN A 126 -6.54 8.54 23.99
N GLY A 127 -5.73 8.53 22.94
CA GLY A 127 -4.31 8.42 23.14
C GLY A 127 -3.81 7.02 22.79
N LYS A 128 -4.69 6.03 22.95
CA LYS A 128 -4.31 4.66 22.61
C LYS A 128 -4.51 4.47 21.10
N LYS A 129 -3.80 3.51 20.51
CA LYS A 129 -3.90 3.24 19.08
C LYS A 129 -4.29 1.80 18.82
N TYR A 130 -4.88 1.53 17.65
CA TYR A 130 -5.24 0.17 17.28
C TYR A 130 -4.88 0.00 15.79
N MSE A 131 -4.70 -1.24 15.38
CA MSE A 131 -4.34 -1.54 14.01
C MSE A 131 -4.90 -2.90 13.61
O MSE A 131 -4.91 -3.83 14.41
CB MSE A 131 -2.81 -1.58 13.87
CG MSE A 131 -2.29 -1.85 12.45
SE MSE A 131 -0.36 -2.23 12.41
CE MSE A 131 -0.47 -4.14 12.66
N LEU A 132 -5.37 -2.99 12.37
CA LEU A 132 -5.90 -4.24 11.87
C LEU A 132 -4.83 -4.96 11.03
N SER A 133 -4.69 -6.25 11.26
CA SER A 133 -3.75 -7.08 10.51
C SER A 133 -4.64 -8.22 10.01
N LEU A 134 -4.90 -8.23 8.71
CA LEU A 134 -5.83 -9.20 8.13
C LEU A 134 -5.30 -10.22 7.12
N THR A 135 -6.01 -11.34 7.02
CA THR A 135 -5.70 -12.37 6.05
C THR A 135 -7.01 -12.67 5.32
N TRP A 136 -7.00 -12.55 4.00
CA TRP A 136 -8.19 -12.79 3.21
C TRP A 136 -7.96 -13.71 2.02
N ASN A 137 -9.05 -14.34 1.58
CA ASN A 137 -9.07 -15.24 0.44
C ASN A 137 -9.17 -14.37 -0.82
N ALA A 138 -9.99 -13.33 -0.74
CA ALA A 138 -10.19 -12.43 -1.86
C ALA A 138 -8.90 -11.73 -2.27
N PRO A 139 -8.82 -11.31 -3.54
CA PRO A 139 -7.63 -10.61 -4.07
C PRO A 139 -7.77 -9.13 -3.77
N MSE A 140 -6.65 -8.40 -3.76
CA MSE A 140 -6.69 -6.99 -3.46
C MSE A 140 -7.60 -6.21 -4.43
O MSE A 140 -8.26 -5.27 -4.02
CB MSE A 140 -5.28 -6.39 -3.49
CG MSE A 140 -5.21 -4.95 -3.00
SE MSE A 140 -5.78 -4.71 -1.15
CE MSE A 140 -4.05 -4.75 -0.30
N GLU A 141 -7.62 -6.63 -5.70
CA GLU A 141 -8.44 -5.96 -6.70
C GLU A 141 -9.93 -5.92 -6.37
N ALA A 142 -10.40 -6.88 -5.59
CA ALA A 142 -11.82 -6.93 -5.21
C ALA A 142 -12.19 -5.79 -4.26
N PHE A 143 -11.19 -5.16 -3.66
CA PHE A 143 -11.37 -4.06 -2.71
C PHE A 143 -11.18 -2.67 -3.33
N THR A 144 -10.37 -2.59 -4.36
CA THR A 144 -10.04 -1.29 -4.96
C THR A 144 -10.79 -0.85 -6.21
N GLU A 145 -11.32 -1.80 -6.98
CA GLU A 145 -12.02 -1.46 -8.21
C GLU A 145 -13.51 -1.17 -8.00
N LYS A 146 -13.90 0.04 -8.35
CA LYS A 146 -15.28 0.48 -8.19
C LYS A 146 -16.34 -0.45 -8.76
N ASP A 147 -16.00 -1.19 -9.82
CA ASP A 147 -16.99 -2.09 -10.41
C ASP A 147 -16.95 -3.51 -9.86
N GLN A 148 -16.06 -3.77 -8.89
CA GLN A 148 -15.99 -5.11 -8.31
C GLN A 148 -16.84 -5.27 -7.05
N PHE A 149 -16.87 -6.48 -6.50
CA PHE A 149 -17.69 -6.80 -5.33
C PHE A 149 -17.76 -5.66 -4.32
N PHE A 150 -16.59 -5.18 -3.88
CA PHE A 150 -16.56 -4.07 -2.96
C PHE A 150 -16.28 -2.93 -3.93
N HIS A 151 -17.33 -2.14 -4.21
CA HIS A 151 -17.30 -1.02 -5.14
C HIS A 151 -16.18 -0.01 -4.91
N GLY A 152 -14.97 -0.50 -4.72
CA GLY A 152 -13.81 0.36 -4.51
C GLY A 152 -13.71 1.10 -3.19
N VAL A 153 -14.41 0.65 -2.17
CA VAL A 153 -14.34 1.34 -0.88
C VAL A 153 -13.05 1.04 -0.12
N GLY A 154 -12.27 0.08 -0.63
CA GLY A 154 -11.01 -0.26 0.03
C GLY A 154 -11.17 -1.17 1.23
N VAL A 155 -10.09 -1.80 1.67
CA VAL A 155 -10.12 -2.70 2.82
C VAL A 155 -10.67 -2.00 4.05
N ASP A 156 -10.21 -0.77 4.31
CA ASP A 156 -10.70 -0.04 5.48
C ASP A 156 -12.18 0.31 5.34
N GLY A 157 -12.66 0.39 4.11
CA GLY A 157 -14.06 0.68 3.90
C GLY A 157 -14.87 -0.52 4.35
N VAL A 158 -14.46 -1.71 3.91
CA VAL A 158 -15.16 -2.93 4.29
C VAL A 158 -15.15 -3.11 5.81
N TYR A 159 -14.10 -2.62 6.47
CA TYR A 159 -14.01 -2.73 7.91
C TYR A 159 -14.47 -1.50 8.67
N LEU A 160 -15.21 -0.62 8.00
CA LEU A 160 -15.69 0.61 8.65
C LEU A 160 -16.26 0.35 10.05
N PRO A 161 -17.26 -0.56 10.17
CA PRO A 161 -17.82 -0.84 11.49
C PRO A 161 -16.82 -1.32 12.55
N PHE A 162 -15.82 -2.08 12.14
CA PHE A 162 -14.82 -2.57 13.09
C PHE A 162 -13.97 -1.39 13.57
N HIS A 163 -13.52 -0.58 12.62
CA HIS A 163 -12.74 0.61 12.96
C HIS A 163 -13.54 1.47 13.95
N LYS A 164 -14.80 1.71 13.62
CA LYS A 164 -15.65 2.54 14.47
C LYS A 164 -15.91 1.99 15.86
N ALA A 165 -15.98 0.67 16.01
CA ALA A 165 -16.21 0.13 17.34
C ALA A 165 -15.01 0.53 18.20
N ASN A 166 -13.82 0.47 17.62
CA ASN A 166 -12.59 0.84 18.33
C ASN A 166 -12.54 2.34 18.60
N GLN A 167 -12.90 3.13 17.60
CA GLN A 167 -12.88 4.58 17.74
C GLN A 167 -13.90 5.10 18.75
N PHE A 168 -14.98 4.34 18.96
CA PHE A 168 -16.02 4.72 19.92
C PHE A 168 -15.38 4.85 21.32
N LEU A 169 -14.34 4.06 21.56
CA LEU A 169 -13.62 4.07 22.83
C LEU A 169 -12.66 5.25 22.90
N GLY A 170 -12.44 5.90 21.76
CA GLY A 170 -11.54 7.03 21.71
C GLY A 170 -10.21 6.70 21.06
N MSE A 171 -9.99 5.44 20.72
CA MSE A 171 -8.72 5.05 20.09
C MSE A 171 -8.59 5.48 18.63
O MSE A 171 -9.59 5.67 17.94
CB MSE A 171 -8.51 3.53 20.23
CG MSE A 171 -8.24 3.12 21.67
SE MSE A 171 -7.81 1.25 21.96
CE MSE A 171 -5.92 1.25 21.62
N GLU A 172 -7.35 5.64 18.18
CA GLU A 172 -7.07 6.06 16.81
C GLU A 172 -6.38 4.96 16.02
N PRO A 173 -6.72 4.85 14.73
CA PRO A 173 -6.14 3.83 13.84
C PRO A 173 -4.73 4.08 13.30
N LEU A 174 -4.03 2.97 13.07
CA LEU A 174 -2.68 2.97 12.49
C LEU A 174 -2.93 2.27 11.16
N PRO A 175 -1.96 2.32 10.22
CA PRO A 175 -2.10 1.70 8.91
C PRO A 175 -2.42 0.19 8.95
N THR A 176 -3.46 -0.18 8.20
CA THR A 176 -3.90 -1.57 8.12
C THR A 176 -2.96 -2.44 7.29
N PHE A 177 -2.79 -3.69 7.70
CA PHE A 177 -1.97 -4.63 6.94
C PHE A 177 -2.90 -5.75 6.49
N ILE A 178 -2.75 -6.20 5.26
CA ILE A 178 -3.59 -7.27 4.75
C ILE A 178 -2.87 -8.19 3.78
N ALA A 179 -3.05 -9.49 3.98
CA ALA A 179 -2.45 -10.50 3.12
C ALA A 179 -3.63 -11.03 2.30
N ASN A 180 -3.57 -10.88 0.97
CA ASN A 180 -4.65 -11.33 0.10
C ASN A 180 -4.36 -12.66 -0.60
N ASP A 181 -5.44 -13.29 -1.10
CA ASP A 181 -5.36 -14.56 -1.80
C ASP A 181 -4.49 -15.58 -1.06
N VAL A 182 -4.63 -15.60 0.26
CA VAL A 182 -3.83 -16.49 1.10
C VAL A 182 -4.14 -17.99 0.97
N ILE A 183 -5.27 -18.35 0.37
CA ILE A 183 -5.61 -19.75 0.20
C ILE A 183 -5.36 -20.22 -1.24
N LYS A 184 -5.79 -19.42 -2.22
CA LYS A 184 -5.59 -19.75 -3.62
C LYS A 184 -4.13 -19.60 -4.02
N MSE A 185 -3.43 -18.73 -3.30
CA MSE A 185 -2.02 -18.48 -3.57
C MSE A 185 -1.24 -18.45 -2.25
O MSE A 185 -0.78 -17.41 -1.82
CB MSE A 185 -1.88 -17.14 -4.28
CG MSE A 185 -0.46 -16.72 -4.64
SE MSE A 185 -0.45 -14.96 -5.42
CE MSE A 185 -0.43 -13.92 -3.80
N PRO A 186 -1.11 -19.61 -1.59
CA PRO A 186 -0.40 -19.69 -0.31
C PRO A 186 1.03 -19.17 -0.44
N ASP A 187 1.24 -17.87 -0.17
CA ASP A 187 2.56 -17.30 -0.27
C ASP A 187 3.17 -17.04 1.10
N VAL A 188 3.32 -18.12 1.85
CA VAL A 188 3.92 -18.08 3.17
C VAL A 188 5.16 -18.94 2.98
N PRO A 189 6.35 -18.33 2.87
CA PRO A 189 6.74 -16.92 2.92
C PRO A 189 6.23 -15.95 1.85
N ARG A 190 6.36 -14.68 2.21
CA ARG A 190 6.00 -13.48 1.46
C ARG A 190 5.16 -12.62 2.40
N TYR A 191 4.07 -13.19 2.89
CA TYR A 191 3.17 -12.49 3.80
C TYR A 191 3.90 -12.14 5.09
N THR A 192 4.74 -13.07 5.57
CA THR A 192 5.51 -12.86 6.79
C THR A 192 6.53 -11.74 6.64
N GLU A 193 7.20 -11.68 5.49
CA GLU A 193 8.20 -10.66 5.25
C GLU A 193 7.55 -9.27 5.13
N GLU A 194 6.43 -9.20 4.43
CA GLU A 194 5.74 -7.92 4.23
C GLU A 194 5.16 -7.39 5.54
N TYR A 195 4.64 -8.28 6.37
CA TYR A 195 4.08 -7.85 7.66
C TYR A 195 5.21 -7.37 8.54
N ARG A 196 6.29 -8.15 8.59
CA ARG A 196 7.46 -7.80 9.37
C ARG A 196 7.90 -6.39 9.00
N LYS A 197 7.94 -6.12 7.70
CA LYS A 197 8.36 -4.81 7.19
C LYS A 197 7.36 -3.72 7.56
N HIS A 198 6.08 -4.06 7.50
CA HIS A 198 4.99 -3.14 7.82
C HIS A 198 5.13 -2.70 9.29
N LEU A 199 5.44 -3.66 10.14
CA LEU A 199 5.61 -3.40 11.57
C LEU A 199 6.81 -2.50 11.89
N VAL A 200 7.93 -2.72 11.21
CA VAL A 200 9.11 -1.89 11.45
C VAL A 200 8.84 -0.47 10.99
N GLU A 201 8.12 -0.34 9.88
CA GLU A 201 7.79 0.98 9.34
C GLU A 201 6.95 1.78 10.33
N ILE A 202 6.05 1.11 11.04
CA ILE A 202 5.19 1.80 12.00
C ILE A 202 5.75 1.90 13.41
N PHE A 203 6.29 0.80 13.91
CA PHE A 203 6.81 0.76 15.27
C PHE A 203 8.32 0.86 15.37
N GLY A 204 8.98 1.02 14.22
CA GLY A 204 10.43 1.13 14.20
C GLY A 204 10.92 2.49 14.69
N HIS B 5 -29.76 -22.65 -7.77
CA HIS B 5 -30.38 -23.27 -6.57
C HIS B 5 -31.55 -22.48 -6.00
N HIS B 6 -32.03 -21.50 -6.76
CA HIS B 6 -33.18 -20.71 -6.34
C HIS B 6 -34.30 -20.99 -7.33
N HIS B 7 -35.47 -21.37 -6.82
CA HIS B 7 -36.60 -21.66 -7.69
C HIS B 7 -37.54 -20.47 -7.83
N SER B 12 -47.26 -16.00 -4.06
CA SER B 12 -46.80 -15.46 -2.79
C SER B 12 -45.36 -15.91 -2.51
N SER B 13 -44.72 -15.26 -1.56
CA SER B 13 -43.33 -15.58 -1.23
C SER B 13 -43.12 -16.26 0.11
N ASN B 14 -41.99 -16.98 0.21
CA ASN B 14 -41.61 -17.65 1.45
C ASN B 14 -40.62 -16.68 2.09
N ILE B 15 -40.94 -16.22 3.31
CA ILE B 15 -40.08 -15.28 4.00
C ILE B 15 -39.47 -15.91 5.24
N LEU B 16 -38.17 -15.75 5.40
CA LEU B 16 -37.47 -16.28 6.57
C LEU B 16 -37.04 -15.08 7.38
N ILE B 17 -37.51 -15.00 8.63
CA ILE B 17 -37.13 -13.89 9.48
C ILE B 17 -36.17 -14.41 10.54
N ILE B 18 -34.97 -13.84 10.56
CA ILE B 18 -33.96 -14.23 11.54
C ILE B 18 -34.01 -13.15 12.60
N ASN B 19 -34.46 -13.54 13.79
CA ASN B 19 -34.60 -12.62 14.92
C ASN B 19 -33.31 -12.55 15.70
N GLY B 20 -32.57 -11.45 15.53
CA GLY B 20 -31.30 -11.30 16.23
C GLY B 20 -31.43 -10.70 17.62
N ALA B 21 -32.65 -10.70 18.17
CA ALA B 21 -32.90 -10.17 19.50
C ALA B 21 -31.90 -10.74 20.50
N ASN B 28 -32.07 -5.12 26.44
CA ASN B 28 -33.38 -4.90 25.86
C ASN B 28 -33.62 -5.84 24.67
N GLY B 29 -34.39 -6.89 24.91
CA GLY B 29 -34.70 -7.84 23.86
C GLY B 29 -36.20 -7.81 23.56
N GLN B 30 -36.79 -6.64 23.73
CA GLN B 30 -38.23 -6.46 23.50
C GLN B 30 -38.54 -5.90 22.12
N LEU B 31 -37.92 -4.77 21.78
CA LEU B 31 -38.17 -4.14 20.49
C LEU B 31 -37.95 -5.06 19.31
N ASN B 32 -36.86 -5.83 19.32
CA ASN B 32 -36.61 -6.74 18.21
C ASN B 32 -37.61 -7.91 18.19
N ASP B 33 -38.03 -8.37 19.37
CA ASP B 33 -39.03 -9.44 19.39
C ASP B 33 -40.34 -8.86 18.85
N THR B 34 -40.65 -7.64 19.24
CA THR B 34 -41.87 -6.96 18.80
C THR B 34 -41.90 -6.72 17.29
N LEU B 35 -40.80 -6.23 16.73
CA LEU B 35 -40.75 -5.97 15.30
C LEU B 35 -40.75 -7.28 14.52
N THR B 36 -40.23 -8.35 15.13
CA THR B 36 -40.26 -9.65 14.46
C THR B 36 -41.74 -10.03 14.32
N GLU B 37 -42.50 -9.82 15.39
CA GLU B 37 -43.93 -10.14 15.40
C GLU B 37 -44.71 -9.29 14.40
N VAL B 38 -44.38 -8.00 14.34
CA VAL B 38 -45.03 -7.10 13.41
C VAL B 38 -44.87 -7.58 11.96
N ALA B 39 -43.65 -7.95 11.60
CA ALA B 39 -43.36 -8.43 10.26
C ALA B 39 -44.10 -9.73 9.99
N ASP B 40 -44.04 -10.64 10.96
CA ASP B 40 -44.71 -11.93 10.84
C ASP B 40 -46.19 -11.78 10.47
N GLY B 41 -46.91 -10.98 11.27
CA GLY B 41 -48.33 -10.76 11.02
C GLY B 41 -48.61 -9.95 9.77
N THR B 42 -47.87 -8.87 9.57
CA THR B 42 -48.09 -8.03 8.40
C THR B 42 -47.89 -8.83 7.13
N LEU B 43 -46.77 -9.55 7.05
CA LEU B 43 -46.45 -10.35 5.88
C LEU B 43 -47.42 -11.50 5.64
N ARG B 44 -47.81 -12.21 6.70
CA ARG B 44 -48.75 -13.31 6.51
C ARG B 44 -50.11 -12.78 6.05
N ASP B 45 -50.46 -11.56 6.46
CA ASP B 45 -51.73 -10.98 6.04
C ASP B 45 -51.66 -10.39 4.63
N LEU B 46 -50.49 -10.48 4.02
CA LEU B 46 -50.29 -10.00 2.66
C LEU B 46 -50.17 -11.21 1.75
N GLY B 47 -50.43 -12.38 2.32
CA GLY B 47 -50.39 -13.63 1.56
C GLY B 47 -49.12 -14.46 1.57
N HIS B 48 -48.10 -14.04 2.31
CA HIS B 48 -46.83 -14.78 2.34
C HIS B 48 -46.76 -15.81 3.46
N ASP B 49 -45.80 -16.72 3.34
CA ASP B 49 -45.57 -17.78 4.32
C ASP B 49 -44.25 -17.42 5.03
N VAL B 50 -44.28 -17.29 6.34
CA VAL B 50 -43.06 -16.92 7.04
C VAL B 50 -42.62 -17.92 8.12
N ARG B 51 -41.31 -18.00 8.32
CA ARG B 51 -40.72 -18.85 9.35
C ARG B 51 -39.84 -17.92 10.15
N ILE B 52 -39.84 -18.09 11.46
CA ILE B 52 -39.03 -17.26 12.34
C ILE B 52 -37.97 -18.12 13.01
N VAL B 53 -36.73 -17.67 13.01
CA VAL B 53 -35.66 -18.40 13.68
C VAL B 53 -34.87 -17.42 14.53
N ARG B 54 -34.59 -17.79 15.78
CA ARG B 54 -33.83 -16.93 16.67
C ARG B 54 -32.35 -17.23 16.52
N ALA B 55 -31.57 -16.20 16.19
CA ALA B 55 -30.13 -16.40 16.03
C ALA B 55 -29.51 -16.85 17.33
N ASP B 56 -30.05 -16.38 18.44
CA ASP B 56 -29.55 -16.72 19.77
C ASP B 56 -30.21 -17.99 20.29
N SER B 57 -30.15 -19.04 19.49
CA SER B 57 -30.72 -20.33 19.86
C SER B 57 -29.76 -21.43 19.41
N ASP B 58 -29.98 -22.64 19.89
CA ASP B 58 -29.13 -23.75 19.49
C ASP B 58 -29.73 -24.31 18.20
N TYR B 59 -29.52 -23.61 17.10
CA TYR B 59 -30.05 -24.03 15.80
C TYR B 59 -29.30 -25.19 15.17
N ASP B 60 -29.97 -25.83 14.21
CA ASP B 60 -29.42 -26.95 13.46
C ASP B 60 -28.92 -26.36 12.15
N VAL B 61 -27.60 -26.28 11.98
CA VAL B 61 -27.06 -25.67 10.76
C VAL B 61 -27.57 -26.27 9.45
N LYS B 62 -27.70 -27.58 9.38
CA LYS B 62 -28.21 -28.19 8.16
C LYS B 62 -29.67 -27.79 7.95
N ALA B 63 -30.43 -27.68 9.03
CA ALA B 63 -31.83 -27.29 8.93
C ALA B 63 -31.91 -25.82 8.50
N GLU B 64 -30.95 -25.02 8.97
CA GLU B 64 -30.93 -23.60 8.61
C GLU B 64 -30.60 -23.44 7.13
N VAL B 65 -29.71 -24.28 6.60
CA VAL B 65 -29.38 -24.21 5.18
C VAL B 65 -30.67 -24.47 4.39
N GLN B 66 -31.44 -25.47 4.81
CA GLN B 66 -32.69 -25.77 4.14
C GLN B 66 -33.68 -24.60 4.22
N ASN B 67 -33.65 -23.87 5.34
CA ASN B 67 -34.53 -22.71 5.49
C ASN B 67 -34.19 -21.67 4.43
N PHE B 68 -32.90 -21.46 4.17
CA PHE B 68 -32.48 -20.50 3.16
C PHE B 68 -32.88 -20.96 1.77
N LEU B 69 -32.82 -22.27 1.53
CA LEU B 69 -33.20 -22.80 0.21
C LEU B 69 -34.70 -22.65 0.00
N TRP B 70 -35.46 -22.74 1.09
CA TRP B 70 -36.92 -22.58 1.05
C TRP B 70 -37.32 -21.11 0.83
N ALA B 71 -36.57 -20.22 1.46
CA ALA B 71 -36.83 -18.78 1.41
C ALA B 71 -36.66 -18.03 0.10
N ASP B 72 -37.58 -17.11 -0.17
CA ASP B 72 -37.54 -16.24 -1.35
C ASP B 72 -36.94 -14.93 -0.86
N VAL B 73 -37.19 -14.64 0.42
CA VAL B 73 -36.70 -13.43 1.05
C VAL B 73 -36.23 -13.77 2.47
N VAL B 74 -35.08 -13.22 2.87
CA VAL B 74 -34.57 -13.42 4.22
C VAL B 74 -34.53 -12.07 4.88
N ILE B 75 -35.18 -11.95 6.04
CA ILE B 75 -35.21 -10.68 6.78
C ILE B 75 -34.34 -10.79 8.02
N TRP B 76 -33.39 -9.87 8.15
CA TRP B 76 -32.51 -9.87 9.30
C TRP B 76 -32.97 -8.80 10.28
N GLN B 77 -33.73 -9.19 11.29
CA GLN B 77 -34.23 -8.25 12.31
C GLN B 77 -33.20 -8.24 13.42
N MSE B 78 -32.55 -7.10 13.64
CA MSE B 78 -31.50 -7.08 14.65
C MSE B 78 -31.06 -5.73 15.20
O MSE B 78 -31.14 -4.72 14.52
CB MSE B 78 -30.27 -7.77 14.06
CG MSE B 78 -29.83 -7.17 12.73
SE MSE B 78 -28.18 -7.92 12.02
CE MSE B 78 -28.01 -6.89 10.39
N PRO B 79 -30.57 -5.72 16.44
CA PRO B 79 -30.11 -4.47 17.04
C PRO B 79 -28.65 -4.23 16.63
N GLY B 80 -28.23 -2.97 16.64
CA GLY B 80 -26.85 -2.69 16.31
C GLY B 80 -26.05 -2.87 17.60
N TRP B 81 -25.06 -3.76 17.58
CA TRP B 81 -24.20 -4.02 18.74
C TRP B 81 -22.79 -3.68 18.30
N TRP B 82 -22.17 -2.71 18.96
CA TRP B 82 -20.82 -2.31 18.60
C TRP B 82 -20.62 -2.14 17.10
N MSE B 83 -21.52 -1.35 16.52
CA MSE B 83 -21.51 -0.99 15.10
C MSE B 83 -21.98 -2.03 14.10
O MSE B 83 -21.92 -1.79 12.89
CB MSE B 83 -20.13 -0.48 14.69
CG MSE B 83 -19.47 0.47 15.69
SE MSE B 83 -20.58 1.99 16.18
CE MSE B 83 -20.62 1.72 18.08
N GLY B 84 -22.45 -3.18 14.56
CA GLY B 84 -22.90 -4.21 13.63
C GLY B 84 -23.76 -5.30 14.24
N ALA B 85 -23.76 -6.46 13.58
CA ALA B 85 -24.56 -7.58 14.07
C ALA B 85 -24.04 -8.13 15.39
N PRO B 86 -24.96 -8.55 16.28
CA PRO B 86 -24.59 -9.12 17.58
C PRO B 86 -23.76 -10.36 17.27
N TRP B 87 -22.85 -10.76 18.17
CA TRP B 87 -22.03 -11.93 17.89
C TRP B 87 -22.86 -13.18 17.56
N THR B 88 -24.05 -13.27 18.12
CA THR B 88 -24.90 -14.44 17.87
C THR B 88 -25.40 -14.49 16.44
N VAL B 89 -25.61 -13.33 15.84
CA VAL B 89 -26.05 -13.27 14.46
C VAL B 89 -24.85 -13.59 13.56
N LYS B 90 -23.68 -13.03 13.90
CA LYS B 90 -22.51 -13.32 13.09
C LYS B 90 -22.15 -14.81 13.20
N LYS B 91 -22.44 -15.42 14.35
CA LYS B 91 -22.13 -16.83 14.52
C LYS B 91 -23.10 -17.65 13.66
N TYR B 92 -24.33 -17.17 13.55
CA TYR B 92 -25.32 -17.85 12.71
C TYR B 92 -24.81 -17.83 11.25
N ILE B 93 -24.32 -16.68 10.81
CA ILE B 93 -23.78 -16.56 9.46
C ILE B 93 -22.56 -17.47 9.28
N ASP B 94 -21.59 -17.35 10.20
CA ASP B 94 -20.39 -18.17 10.12
C ASP B 94 -20.72 -19.65 10.13
N ASP B 95 -21.73 -20.04 10.91
CA ASP B 95 -22.14 -21.44 10.99
C ASP B 95 -22.96 -21.87 9.76
N VAL B 96 -24.05 -21.16 9.52
CA VAL B 96 -24.96 -21.49 8.42
C VAL B 96 -24.43 -21.25 7.01
N PHE B 97 -23.81 -20.10 6.76
CA PHE B 97 -23.28 -19.83 5.42
C PHE B 97 -22.14 -20.78 5.05
N THR B 98 -21.25 -21.06 5.99
CA THR B 98 -20.13 -21.97 5.73
C THR B 98 -20.74 -23.33 5.42
N GLU B 99 -21.70 -23.74 6.23
CA GLU B 99 -22.41 -24.98 5.93
C GLU B 99 -23.15 -24.41 4.72
N GLY B 100 -23.64 -25.22 3.81
CA GLY B 100 -24.32 -24.59 2.68
C GLY B 100 -23.35 -24.36 1.55
N HIS B 101 -22.06 -24.50 1.82
CA HIS B 101 -21.09 -24.38 0.74
C HIS B 101 -21.52 -25.59 -0.08
N GLY B 102 -21.90 -25.37 -1.33
CA GLY B 102 -22.36 -26.46 -2.16
C GLY B 102 -23.86 -26.33 -2.45
N THR B 103 -24.54 -25.52 -1.64
CA THR B 103 -25.97 -25.29 -1.81
C THR B 103 -26.27 -23.79 -1.97
N LEU B 104 -25.75 -22.97 -1.06
CA LEU B 104 -25.97 -21.53 -1.12
C LEU B 104 -24.91 -20.85 -2.00
N TYR B 105 -23.71 -21.44 -2.07
CA TYR B 105 -22.64 -20.89 -2.88
C TYR B 105 -21.67 -22.01 -3.27
N ALA B 106 -20.98 -21.85 -4.40
CA ALA B 106 -20.04 -22.86 -4.87
C ALA B 106 -18.61 -22.52 -4.48
N SER B 107 -18.30 -21.22 -4.50
CA SER B 107 -16.98 -20.69 -4.16
C SER B 107 -17.08 -19.18 -4.35
N ASP B 108 -15.96 -18.47 -4.43
CA ASP B 108 -16.00 -17.03 -4.61
C ASP B 108 -16.24 -16.61 -6.06
N GLY B 109 -16.42 -17.60 -6.94
CA GLY B 109 -16.68 -17.30 -8.34
C GLY B 109 -15.52 -17.51 -9.28
N ARG B 110 -14.35 -16.98 -8.93
CA ARG B 110 -13.17 -17.12 -9.77
C ARG B 110 -12.87 -18.61 -10.02
N THR B 111 -12.64 -18.99 -11.27
CA THR B 111 -12.38 -20.40 -11.56
C THR B 111 -11.31 -20.68 -12.63
N LYS B 118 -13.82 -12.34 -10.92
CA LYS B 118 -14.40 -11.37 -10.01
C LYS B 118 -14.99 -12.05 -8.78
N TYR B 119 -14.26 -11.85 -7.67
CA TYR B 119 -14.63 -12.39 -6.37
C TYR B 119 -16.07 -12.00 -6.06
N GLY B 120 -16.84 -12.94 -5.52
CA GLY B 120 -18.23 -12.67 -5.16
C GLY B 120 -19.27 -13.09 -6.19
N SER B 121 -18.86 -13.84 -7.18
CA SER B 121 -19.80 -14.27 -8.22
C SER B 121 -20.04 -15.77 -8.25
N GLY B 122 -19.84 -16.43 -7.11
CA GLY B 122 -20.04 -17.87 -7.06
C GLY B 122 -21.26 -18.35 -6.31
N GLY B 123 -22.19 -17.44 -6.03
CA GLY B 123 -23.41 -17.82 -5.31
C GLY B 123 -24.27 -18.74 -6.15
N LEU B 124 -25.16 -19.49 -5.50
CA LEU B 124 -26.04 -20.42 -6.21
C LEU B 124 -27.52 -20.08 -6.01
N VAL B 125 -27.80 -19.04 -5.23
CA VAL B 125 -29.19 -18.68 -5.00
C VAL B 125 -29.56 -17.31 -5.54
N GLN B 126 -29.10 -16.99 -6.73
CA GLN B 126 -29.45 -15.71 -7.34
C GLN B 126 -30.97 -15.72 -7.46
N GLY B 127 -31.60 -14.58 -7.27
CA GLY B 127 -33.05 -14.53 -7.35
C GLY B 127 -33.66 -14.35 -5.97
N LYS B 128 -32.95 -14.80 -4.95
CA LYS B 128 -33.44 -14.64 -3.59
C LYS B 128 -33.06 -13.24 -3.12
N LYS B 129 -33.83 -12.71 -2.18
CA LYS B 129 -33.55 -11.36 -1.68
C LYS B 129 -33.47 -11.35 -0.16
N TYR B 130 -32.88 -10.28 0.37
CA TYR B 130 -32.76 -10.16 1.81
C TYR B 130 -32.97 -8.70 2.18
N MSE B 131 -33.32 -8.46 3.44
CA MSE B 131 -33.56 -7.11 3.89
C MSE B 131 -33.10 -6.95 5.32
O MSE B 131 -33.18 -7.88 6.11
CB MSE B 131 -35.06 -6.79 3.79
CG MSE B 131 -35.43 -5.34 4.10
SE MSE B 131 -37.34 -5.11 4.27
CE MSE B 131 -37.51 -5.58 6.14
N LEU B 132 -32.59 -5.77 5.64
CA LEU B 132 -32.14 -5.52 7.00
C LEU B 132 -33.19 -4.67 7.72
N SER B 133 -33.51 -5.04 8.96
CA SER B 133 -34.44 -4.30 9.80
C SER B 133 -33.62 -4.08 11.06
N LEU B 134 -33.23 -2.83 11.30
CA LEU B 134 -32.34 -2.50 12.41
C LEU B 134 -32.89 -1.60 13.50
N THR B 135 -32.27 -1.68 14.67
CA THR B 135 -32.64 -0.83 15.80
C THR B 135 -31.31 -0.36 16.39
N TRP B 136 -31.12 0.95 16.45
CA TRP B 136 -29.88 1.52 16.98
C TRP B 136 -30.11 2.57 18.06
N ASN B 137 -29.06 2.83 18.84
CA ASN B 137 -29.06 3.84 19.89
C ASN B 137 -28.72 5.17 19.21
N ALA B 138 -27.83 5.10 18.22
CA ALA B 138 -27.37 6.28 17.49
C ALA B 138 -28.45 6.98 16.67
N PRO B 139 -28.40 8.33 16.62
CA PRO B 139 -29.37 9.12 15.86
C PRO B 139 -29.05 8.99 14.37
N MSE B 140 -30.01 9.30 13.51
CA MSE B 140 -29.76 9.18 12.08
C MSE B 140 -28.65 10.10 11.60
O MSE B 140 -27.85 9.71 10.74
CB MSE B 140 -31.03 9.46 11.27
CG MSE B 140 -30.88 9.12 9.79
SE MSE B 140 -30.68 7.22 9.44
CE MSE B 140 -32.50 6.80 8.94
N GLU B 141 -28.56 11.31 12.16
CA GLU B 141 -27.53 12.27 11.75
C GLU B 141 -26.12 11.67 11.87
N ALA B 142 -25.93 10.74 12.79
CA ALA B 142 -24.62 10.11 12.95
C ALA B 142 -24.23 9.35 11.69
N PHE B 143 -25.23 8.95 10.91
CA PHE B 143 -25.02 8.19 9.67
C PHE B 143 -24.92 9.06 8.42
N THR B 144 -25.71 10.14 8.40
CA THR B 144 -25.76 11.03 7.24
C THR B 144 -24.84 12.25 7.21
N GLU B 145 -24.54 12.83 8.37
CA GLU B 145 -23.68 14.02 8.40
C GLU B 145 -22.23 13.69 8.09
N LYS B 146 -21.74 14.24 6.99
CA LYS B 146 -20.36 14.02 6.57
C LYS B 146 -19.36 14.28 7.69
N ASP B 147 -19.68 15.27 8.51
CA ASP B 147 -18.83 15.67 9.63
C ASP B 147 -18.95 14.81 10.90
N GLN B 148 -19.86 13.84 10.91
CA GLN B 148 -20.01 13.03 12.10
C GLN B 148 -19.33 11.66 12.08
N PHE B 149 -19.58 10.88 13.12
CA PHE B 149 -18.95 9.57 13.29
C PHE B 149 -18.76 8.67 12.07
N PHE B 150 -19.82 8.41 11.32
CA PHE B 150 -19.70 7.53 10.16
C PHE B 150 -19.36 8.21 8.84
N HIS B 151 -18.96 9.47 8.93
CA HIS B 151 -18.56 10.24 7.75
C HIS B 151 -19.55 10.21 6.59
N GLY B 152 -20.84 10.21 6.93
CA GLY B 152 -21.88 10.23 5.92
C GLY B 152 -22.03 9.05 4.97
N VAL B 153 -21.44 7.90 5.28
CA VAL B 153 -21.58 6.76 4.38
C VAL B 153 -22.98 6.15 4.45
N GLY B 154 -23.77 6.55 5.44
CA GLY B 154 -25.13 6.05 5.57
C GLY B 154 -25.24 4.71 6.30
N VAL B 155 -26.47 4.34 6.64
CA VAL B 155 -26.71 3.08 7.35
C VAL B 155 -26.19 1.91 6.52
N ASP B 156 -26.52 1.88 5.22
CA ASP B 156 -26.07 0.79 4.37
C ASP B 156 -24.55 0.76 4.24
N GLY B 157 -23.92 1.92 4.34
CA GLY B 157 -22.47 1.97 4.26
C GLY B 157 -21.89 1.28 5.49
N VAL B 158 -22.47 1.57 6.65
CA VAL B 158 -22.02 0.96 7.89
C VAL B 158 -22.24 -0.56 7.86
N TYR B 159 -23.22 -1.00 7.07
CA TYR B 159 -23.53 -2.43 6.96
C TYR B 159 -23.03 -3.08 5.69
N LEU B 160 -22.14 -2.40 4.97
CA LEU B 160 -21.58 -2.93 3.73
C LEU B 160 -21.11 -4.39 3.86
N PRO B 161 -20.29 -4.70 4.88
CA PRO B 161 -19.83 -6.09 5.02
C PRO B 161 -20.96 -7.09 5.23
N PHE B 162 -22.01 -6.68 5.93
CA PHE B 162 -23.16 -7.56 6.19
C PHE B 162 -23.93 -7.78 4.89
N HIS B 163 -24.17 -6.69 4.15
CA HIS B 163 -24.87 -6.79 2.88
C HIS B 163 -24.09 -7.73 1.96
N LYS B 164 -22.78 -7.55 1.94
CA LYS B 164 -21.93 -8.35 1.06
C LYS B 164 -21.87 -9.83 1.44
N ALA B 165 -22.02 -10.15 2.71
CA ALA B 165 -22.01 -11.56 3.11
C ALA B 165 -23.19 -12.22 2.42
N ASN B 166 -24.34 -11.54 2.46
CA ASN B 166 -25.55 -12.04 1.83
C ASN B 166 -25.43 -12.10 0.30
N GLN B 167 -24.82 -11.07 -0.28
CA GLN B 167 -24.67 -11.02 -1.73
C GLN B 167 -23.73 -12.07 -2.29
N PHE B 168 -22.75 -12.49 -1.50
CA PHE B 168 -21.77 -13.50 -1.91
C PHE B 168 -22.51 -14.78 -2.32
N LEU B 169 -23.68 -14.99 -1.73
CA LEU B 169 -24.50 -16.15 -2.01
C LEU B 169 -25.31 -15.90 -3.28
N GLY B 170 -25.35 -14.64 -3.70
CA GLY B 170 -26.09 -14.27 -4.89
C GLY B 170 -27.40 -13.55 -4.61
N MSE B 171 -27.71 -13.32 -3.34
CA MSE B 171 -28.96 -12.65 -2.99
C MSE B 171 -28.89 -11.14 -3.21
O MSE B 171 -27.83 -10.53 -3.11
CB MSE B 171 -29.34 -12.98 -1.55
CG MSE B 171 -29.47 -14.49 -1.29
SE MSE B 171 -30.38 -14.95 0.38
CE MSE B 171 -29.05 -14.31 1.55
N GLU B 172 -30.04 -10.54 -3.53
CA GLU B 172 -30.13 -9.10 -3.78
C GLU B 172 -30.80 -8.39 -2.62
N PRO B 173 -30.36 -7.17 -2.32
CA PRO B 173 -30.95 -6.40 -1.23
C PRO B 173 -32.25 -5.68 -1.54
N LEU B 174 -33.03 -5.48 -0.49
CA LEU B 174 -34.28 -4.74 -0.55
C LEU B 174 -34.01 -3.57 0.37
N PRO B 175 -34.80 -2.49 0.26
CA PRO B 175 -34.61 -1.31 1.11
C PRO B 175 -34.49 -1.62 2.60
N THR B 176 -33.49 -1.03 3.24
CA THR B 176 -33.26 -1.22 4.65
C THR B 176 -34.24 -0.42 5.49
N PHE B 177 -34.61 -0.98 6.64
CA PHE B 177 -35.48 -0.26 7.57
C PHE B 177 -34.70 -0.15 8.86
N ILE B 178 -34.75 1.04 9.48
CA ILE B 178 -34.03 1.24 10.72
C ILE B 178 -34.76 2.17 11.70
N ALA B 179 -34.74 1.80 12.97
CA ALA B 179 -35.33 2.62 14.01
C ALA B 179 -34.12 3.17 14.76
N ASN B 180 -34.10 4.49 14.95
CA ASN B 180 -32.99 5.16 15.63
C ASN B 180 -33.38 5.72 16.99
N ASP B 181 -32.38 6.05 17.80
CA ASP B 181 -32.60 6.60 19.13
C ASP B 181 -33.60 5.76 19.90
N VAL B 182 -33.52 4.45 19.75
CA VAL B 182 -34.47 3.57 20.43
C VAL B 182 -34.36 3.58 21.95
N ILE B 183 -33.23 4.04 22.47
CA ILE B 183 -33.04 4.08 23.91
C ILE B 183 -33.17 5.51 24.45
N LYS B 184 -32.63 6.46 23.69
CA LYS B 184 -32.67 7.86 24.10
C LYS B 184 -33.96 8.56 23.69
N MSE B 185 -34.69 7.93 22.77
CA MSE B 185 -35.95 8.49 22.28
C MSE B 185 -36.89 7.38 21.83
O MSE B 185 -37.36 7.36 20.70
CB MSE B 185 -35.65 9.43 21.10
CG MSE B 185 -36.85 10.17 20.54
SE MSE B 185 -36.29 11.53 19.31
CE MSE B 185 -36.23 10.47 17.70
N PRO B 186 -37.17 6.43 22.75
CA PRO B 186 -38.06 5.30 22.43
C PRO B 186 -39.47 5.72 22.01
N ASP B 187 -40.04 4.94 21.08
CA ASP B 187 -41.39 5.21 20.58
C ASP B 187 -41.86 4.04 19.72
N VAL B 188 -42.09 2.90 20.36
CA VAL B 188 -42.54 1.70 19.67
C VAL B 188 -43.72 1.94 18.72
N PRO B 189 -44.69 2.78 19.12
CA PRO B 189 -45.82 3.02 18.23
C PRO B 189 -45.36 3.56 16.88
N ARG B 190 -44.40 4.48 16.90
CA ARG B 190 -43.87 5.05 15.66
C ARG B 190 -43.20 3.96 14.83
N TYR B 191 -42.19 3.33 15.42
CA TYR B 191 -41.43 2.27 14.75
C TYR B 191 -42.36 1.22 14.15
N THR B 192 -43.28 0.71 14.95
CA THR B 192 -44.21 -0.32 14.50
C THR B 192 -45.00 0.08 13.26
N GLU B 193 -45.57 1.29 13.26
CA GLU B 193 -46.34 1.73 12.10
C GLU B 193 -45.45 1.97 10.89
N GLU B 194 -44.30 2.62 11.11
CA GLU B 194 -43.38 2.89 10.03
C GLU B 194 -42.90 1.58 9.40
N TYR B 195 -42.55 0.61 10.23
CA TYR B 195 -42.08 -0.68 9.74
C TYR B 195 -43.18 -1.33 8.91
N ARG B 196 -44.40 -1.30 9.44
CA ARG B 196 -45.54 -1.88 8.75
C ARG B 196 -45.73 -1.28 7.37
N LYS B 197 -45.65 0.05 7.28
CA LYS B 197 -45.82 0.70 5.99
C LYS B 197 -44.62 0.41 5.09
N HIS B 198 -43.46 0.20 5.71
CA HIS B 198 -42.25 -0.12 4.96
C HIS B 198 -42.47 -1.48 4.30
N LEU B 199 -42.99 -2.43 5.07
CA LEU B 199 -43.25 -3.77 4.57
C LEU B 199 -44.35 -3.82 3.52
N VAL B 200 -45.46 -3.13 3.76
CA VAL B 200 -46.56 -3.11 2.80
C VAL B 200 -46.07 -2.56 1.46
N GLU B 201 -45.24 -1.54 1.52
CA GLU B 201 -44.69 -0.91 0.33
C GLU B 201 -43.86 -1.89 -0.50
N ILE B 202 -42.99 -2.62 0.19
CA ILE B 202 -42.09 -3.58 -0.45
C ILE B 202 -42.72 -4.91 -0.84
N PHE B 203 -43.48 -5.48 0.09
CA PHE B 203 -44.11 -6.79 -0.10
C PHE B 203 -45.59 -6.77 -0.46
N GLY B 204 -46.18 -5.58 -0.56
CA GLY B 204 -47.59 -5.47 -0.88
C GLY B 204 -47.91 -5.74 -2.34
N SER C 13 45.94 15.47 1.33
CA SER C 13 44.47 15.50 1.57
C SER C 13 43.94 14.12 1.94
N ASN C 14 42.70 14.08 2.43
CA ASN C 14 42.06 12.82 2.77
C ASN C 14 41.13 12.48 1.63
N ILE C 15 41.32 11.32 1.00
CA ILE C 15 40.48 10.94 -0.11
C ILE C 15 39.68 9.68 0.21
N LEU C 16 38.36 9.79 0.07
CA LEU C 16 37.46 8.68 0.31
C LEU C 16 37.07 8.08 -1.03
N ILE C 17 37.33 6.78 -1.21
CA ILE C 17 36.97 6.14 -2.47
C ILE C 17 35.82 5.18 -2.19
N ILE C 18 34.70 5.42 -2.87
CA ILE C 18 33.54 4.57 -2.72
C ILE C 18 33.55 3.65 -3.93
N ASN C 19 33.90 2.38 -3.70
CA ASN C 19 33.99 1.38 -4.75
C ASN C 19 32.59 0.83 -5.03
N GLY C 20 32.09 1.09 -6.24
CA GLY C 20 30.77 0.61 -6.62
C GLY C 20 30.76 -0.68 -7.41
N ALA C 21 31.88 -1.39 -7.41
CA ALA C 21 31.98 -2.67 -8.11
C ALA C 21 30.97 -3.63 -7.50
N LYS C 22 30.37 -4.48 -8.33
CA LYS C 22 29.41 -5.45 -7.80
C LYS C 22 29.27 -6.68 -8.70
N GLN C 30 35.49 -8.20 -13.52
CA GLN C 30 35.21 -6.95 -12.84
C GLN C 30 35.82 -5.76 -13.60
N LEU C 31 36.70 -5.03 -12.92
CA LEU C 31 37.41 -3.85 -13.45
C LEU C 31 37.41 -2.69 -12.45
N ASN C 32 36.29 -2.50 -11.75
CA ASN C 32 36.19 -1.43 -10.78
C ASN C 32 37.02 -1.68 -9.52
N ASP C 33 37.26 -2.95 -9.21
CA ASP C 33 38.09 -3.27 -8.05
C ASP C 33 39.51 -2.84 -8.41
N THR C 34 39.92 -3.15 -9.64
CA THR C 34 41.26 -2.80 -10.10
C THR C 34 41.51 -1.29 -10.09
N LEU C 35 40.54 -0.51 -10.56
CA LEU C 35 40.68 0.93 -10.60
C LEU C 35 40.66 1.55 -9.21
N THR C 36 39.98 0.91 -8.26
CA THR C 36 39.96 1.41 -6.90
C THR C 36 41.39 1.29 -6.37
N GLU C 37 42.01 0.15 -6.66
CA GLU C 37 43.38 -0.11 -6.22
C GLU C 37 44.37 0.86 -6.87
N VAL C 38 44.17 1.17 -8.15
CA VAL C 38 45.04 2.10 -8.86
C VAL C 38 45.02 3.47 -8.17
N ALA C 39 43.83 3.96 -7.85
CA ALA C 39 43.69 5.25 -7.19
C ALA C 39 44.29 5.24 -5.78
N ASP C 40 44.04 4.16 -5.06
CA ASP C 40 44.55 4.02 -3.70
C ASP C 40 46.07 4.17 -3.71
N GLY C 41 46.73 3.40 -4.57
CA GLY C 41 48.19 3.46 -4.65
C GLY C 41 48.74 4.77 -5.15
N THR C 42 48.15 5.29 -6.23
CA THR C 42 48.61 6.54 -6.82
C THR C 42 48.47 7.71 -5.84
N LEU C 43 47.29 7.88 -5.27
CA LEU C 43 47.05 8.97 -4.32
C LEU C 43 47.93 8.88 -3.09
N ARG C 44 48.11 7.68 -2.55
CA ARG C 44 48.95 7.54 -1.37
C ARG C 44 50.40 7.89 -1.70
N ASP C 45 50.86 7.51 -2.89
CA ASP C 45 52.22 7.83 -3.29
C ASP C 45 52.37 9.35 -3.34
N LEU C 46 51.29 10.02 -3.73
CA LEU C 46 51.29 11.47 -3.85
C LEU C 46 51.25 12.18 -2.50
N GLY C 47 51.18 11.39 -1.42
CA GLY C 47 51.17 11.97 -0.09
C GLY C 47 49.81 12.11 0.56
N HIS C 48 48.77 11.56 -0.07
CA HIS C 48 47.44 11.66 0.49
C HIS C 48 47.04 10.42 1.29
N ASP C 49 46.07 10.58 2.17
CA ASP C 49 45.57 9.45 2.95
C ASP C 49 44.29 9.02 2.23
N VAL C 50 44.08 7.72 2.13
CA VAL C 50 42.89 7.23 1.44
C VAL C 50 42.14 6.15 2.22
N ARG C 51 40.82 6.15 2.08
CA ARG C 51 39.96 5.17 2.73
C ARG C 51 39.04 4.59 1.66
N ILE C 52 39.05 3.27 1.53
CA ILE C 52 38.22 2.57 0.54
C ILE C 52 37.01 1.95 1.22
N VAL C 53 35.83 2.21 0.66
CA VAL C 53 34.60 1.64 1.20
C VAL C 53 33.81 1.01 0.04
N ARG C 54 33.26 -0.17 0.27
CA ARG C 54 32.50 -0.85 -0.76
C ARG C 54 31.01 -0.55 -0.55
N ALA C 55 30.36 -0.07 -1.61
CA ALA C 55 28.94 0.27 -1.52
C ALA C 55 28.09 -0.98 -1.42
N ASP C 56 28.55 -2.06 -2.05
CA ASP C 56 27.82 -3.32 -2.05
C ASP C 56 28.24 -4.13 -0.83
N SER C 57 27.94 -3.58 0.34
CA SER C 57 28.28 -4.22 1.60
C SER C 57 27.28 -3.77 2.67
N ASP C 58 27.32 -4.40 3.83
CA ASP C 58 26.43 -4.02 4.92
C ASP C 58 27.12 -2.92 5.72
N TYR C 59 27.23 -1.74 5.11
CA TYR C 59 27.87 -0.60 5.75
C TYR C 59 27.04 0.00 6.88
N ASP C 60 27.73 0.68 7.80
CA ASP C 60 27.09 1.36 8.92
C ASP C 60 26.94 2.81 8.49
N VAL C 61 25.71 3.31 8.43
CA VAL C 61 25.50 4.69 7.98
C VAL C 61 26.17 5.75 8.83
N LYS C 62 26.11 5.64 10.15
CA LYS C 62 26.76 6.65 10.97
C LYS C 62 28.25 6.65 10.73
N ALA C 63 28.82 5.47 10.52
CA ALA C 63 30.25 5.37 10.25
C ALA C 63 30.55 6.01 8.90
N GLU C 64 29.67 5.82 7.92
CA GLU C 64 29.88 6.40 6.60
C GLU C 64 29.81 7.92 6.63
N VAL C 65 28.90 8.46 7.44
CA VAL C 65 28.79 9.91 7.54
C VAL C 65 30.13 10.44 8.05
N GLN C 66 30.73 9.73 8.98
CA GLN C 66 32.02 10.15 9.52
C GLN C 66 33.12 10.11 8.47
N ASN C 67 32.98 9.22 7.49
CA ASN C 67 33.98 9.15 6.42
C ASN C 67 33.90 10.42 5.58
N PHE C 68 32.68 10.87 5.31
CA PHE C 68 32.49 12.07 4.53
C PHE C 68 33.03 13.30 5.24
N LEU C 69 32.80 13.37 6.55
CA LEU C 69 33.30 14.49 7.34
C LEU C 69 34.83 14.48 7.34
N TRP C 70 35.40 13.29 7.34
CA TRP C 70 36.85 13.10 7.33
C TRP C 70 37.47 13.50 6.00
N ALA C 71 36.78 13.12 4.92
CA ALA C 71 37.25 13.37 3.56
C ALA C 71 37.30 14.80 3.06
N ASP C 72 38.33 15.09 2.27
CA ASP C 72 38.49 16.39 1.64
C ASP C 72 37.96 16.19 0.21
N VAL C 73 38.09 14.95 -0.26
CA VAL C 73 37.66 14.57 -1.59
C VAL C 73 36.99 13.20 -1.55
N VAL C 74 35.91 13.05 -2.31
CA VAL C 74 35.19 11.78 -2.38
C VAL C 74 35.20 11.32 -3.84
N ILE C 75 35.74 10.13 -4.08
CA ILE C 75 35.76 9.59 -5.44
C ILE C 75 34.74 8.48 -5.56
N TRP C 76 33.90 8.56 -6.58
CA TRP C 76 32.90 7.53 -6.82
C TRP C 76 33.37 6.67 -7.98
N GLN C 77 33.97 5.53 -7.66
CA GLN C 77 34.46 4.59 -8.67
C GLN C 77 33.30 3.63 -8.93
N MSE C 78 32.77 3.65 -10.15
CA MSE C 78 31.64 2.80 -10.42
C MSE C 78 31.34 2.48 -11.87
O MSE C 78 31.74 3.21 -12.78
CB MSE C 78 30.39 3.45 -9.82
CG MSE C 78 30.18 4.88 -10.30
SE MSE C 78 28.58 5.71 -9.61
CE MSE C 78 28.83 7.49 -10.32
N PRO C 79 30.64 1.37 -12.10
CA PRO C 79 30.29 0.97 -13.47
C PRO C 79 28.95 1.60 -13.83
N GLY C 80 28.71 1.73 -15.12
CA GLY C 80 27.45 2.25 -15.59
C GLY C 80 26.64 1.00 -15.89
N TRP C 81 25.54 0.79 -15.18
CA TRP C 81 24.71 -0.40 -15.40
C TRP C 81 23.60 -0.16 -16.40
N TRP C 82 22.61 0.61 -15.97
CA TRP C 82 21.47 0.97 -16.80
C TRP C 82 21.39 2.50 -16.83
N MSE C 83 22.45 3.08 -17.39
CA MSE C 83 22.59 4.52 -17.58
C MSE C 83 23.04 5.29 -16.34
O MSE C 83 23.08 6.53 -16.35
CB MSE C 83 21.29 5.13 -18.11
CG MSE C 83 20.67 4.39 -19.29
SE MSE C 83 21.91 3.87 -20.71
CE MSE C 83 21.29 2.05 -20.95
N GLY C 84 23.39 4.58 -15.27
CA GLY C 84 23.82 5.29 -14.07
C GLY C 84 24.36 4.40 -12.96
N ALA C 85 24.37 4.95 -11.75
CA ALA C 85 24.87 4.21 -10.61
C ALA C 85 24.11 2.91 -10.34
N PRO C 86 24.84 1.84 -10.00
CA PRO C 86 24.19 0.55 -9.71
C PRO C 86 23.27 0.81 -8.50
N TRP C 87 22.19 0.06 -8.36
CA TRP C 87 21.28 0.26 -7.23
C TRP C 87 21.99 0.25 -5.89
N THR C 88 23.08 -0.49 -5.78
CA THR C 88 23.81 -0.55 -4.51
C THR C 88 24.46 0.79 -4.19
N VAL C 89 24.87 1.52 -5.22
CA VAL C 89 25.47 2.83 -5.01
C VAL C 89 24.37 3.83 -4.65
N LYS C 90 23.22 3.71 -5.30
CA LYS C 90 22.12 4.62 -5.00
C LYS C 90 21.59 4.35 -3.60
N LYS C 91 21.60 3.10 -3.16
CA LYS C 91 21.13 2.78 -1.81
C LYS C 91 22.09 3.41 -0.81
N TYR C 92 23.38 3.35 -1.12
CA TYR C 92 24.42 3.93 -0.27
C TYR C 92 24.10 5.41 -0.08
N ILE C 93 23.77 6.09 -1.18
CA ILE C 93 23.45 7.52 -1.12
C ILE C 93 22.14 7.76 -0.37
N ASP C 94 21.09 7.00 -0.69
CA ASP C 94 19.81 7.19 -0.01
C ASP C 94 19.94 6.93 1.50
N ASP C 95 20.81 6.00 1.89
CA ASP C 95 21.01 5.67 3.29
C ASP C 95 21.91 6.68 4.01
N VAL C 96 23.09 6.87 3.46
CA VAL C 96 24.10 7.76 4.05
C VAL C 96 23.80 9.26 3.97
N PHE C 97 23.48 9.76 2.79
CA PHE C 97 23.18 11.18 2.63
C PHE C 97 22.04 11.57 3.55
N THR C 98 21.01 10.74 3.62
CA THR C 98 19.86 11.03 4.47
C THR C 98 20.30 11.00 5.93
N GLU C 99 21.16 10.06 6.26
CA GLU C 99 21.68 9.94 7.61
C GLU C 99 22.46 11.22 7.89
N GLY C 100 23.03 11.77 6.82
CA GLY C 100 23.82 12.99 6.93
C GLY C 100 23.04 14.27 7.19
N HIS C 101 21.72 14.18 7.38
CA HIS C 101 20.96 15.40 7.66
C HIS C 101 21.42 15.90 9.03
N GLY C 102 21.94 17.12 9.05
CA GLY C 102 22.41 17.69 10.30
C GLY C 102 23.92 17.80 10.41
N THR C 103 24.63 17.16 9.46
CA THR C 103 26.09 17.20 9.42
C THR C 103 26.58 17.37 7.97
N LEU C 104 25.92 16.73 7.02
CA LEU C 104 26.30 16.85 5.62
C LEU C 104 25.47 17.93 4.92
N TYR C 105 24.24 18.13 5.38
CA TYR C 105 23.38 19.16 4.80
C TYR C 105 22.34 19.54 5.84
N ALA C 106 21.92 20.81 5.82
CA ALA C 106 20.93 21.30 6.78
C ALA C 106 19.52 21.18 6.22
N SER C 107 19.37 21.46 4.93
CA SER C 107 18.08 21.38 4.27
C SER C 107 18.20 21.79 2.80
N ASP C 108 17.10 22.32 2.27
CA ASP C 108 17.01 22.80 0.90
C ASP C 108 17.02 21.69 -0.14
N LYS C 117 19.33 30.46 -0.54
CA LYS C 117 18.13 31.18 -0.96
C LYS C 117 17.28 30.31 -1.87
N LYS C 118 17.92 29.63 -2.81
CA LYS C 118 17.23 28.76 -3.76
C LYS C 118 17.51 27.29 -3.45
N TYR C 119 16.62 26.43 -3.93
CA TYR C 119 16.75 24.98 -3.71
C TYR C 119 18.17 24.51 -3.97
N GLY C 120 18.70 23.69 -3.06
CA GLY C 120 20.04 23.14 -3.22
C GLY C 120 21.18 23.96 -2.62
N SER C 121 20.84 24.94 -1.79
CA SER C 121 21.83 25.81 -1.16
C SER C 121 21.98 25.56 0.34
N GLY C 122 21.43 24.45 0.82
CA GLY C 122 21.51 24.15 2.24
C GLY C 122 22.55 23.13 2.65
N GLY C 123 23.59 22.96 1.86
CA GLY C 123 24.65 22.00 2.20
C GLY C 123 25.48 22.48 3.37
N LEU C 124 26.17 21.55 4.03
CA LEU C 124 27.01 21.88 5.18
C LEU C 124 28.50 21.60 4.93
N VAL C 125 28.82 20.87 3.87
CA VAL C 125 30.21 20.54 3.60
C VAL C 125 30.84 21.25 2.41
N GLN C 126 30.52 22.54 2.23
CA GLN C 126 31.13 23.29 1.15
C GLN C 126 32.63 23.16 1.41
N GLY C 127 33.44 23.26 0.37
CA GLY C 127 34.87 23.11 0.57
C GLY C 127 35.33 21.70 0.22
N LYS C 128 34.43 20.73 0.33
CA LYS C 128 34.77 19.34 -0.01
C LYS C 128 34.55 19.18 -1.51
N LYS C 129 35.28 18.25 -2.12
CA LYS C 129 35.15 18.00 -3.55
C LYS C 129 34.82 16.54 -3.79
N TYR C 130 34.38 16.23 -5.00
CA TYR C 130 34.05 14.86 -5.37
C TYR C 130 34.40 14.67 -6.83
N MSE C 131 34.55 13.42 -7.24
CA MSE C 131 34.90 13.11 -8.62
C MSE C 131 34.32 11.78 -9.01
O MSE C 131 34.25 10.85 -8.19
CB MSE C 131 36.43 13.06 -8.75
CG MSE C 131 36.93 12.81 -10.17
SE MSE C 131 38.85 12.48 -10.22
CE MSE C 131 38.80 10.57 -10.00
N LEU C 132 33.87 11.68 -10.26
CA LEU C 132 33.30 10.44 -10.75
C LEU C 132 34.35 9.71 -11.59
N SER C 133 34.51 8.40 -11.34
CA SER C 133 35.41 7.55 -12.10
C SER C 133 34.50 6.43 -12.59
N LEU C 134 34.23 6.43 -13.90
CA LEU C 134 33.28 5.47 -14.48
C LEU C 134 33.80 4.45 -15.48
N THR C 135 33.10 3.32 -15.58
CA THR C 135 33.41 2.28 -16.55
C THR C 135 32.09 1.98 -17.27
N TRP C 136 32.11 2.02 -18.60
CA TRP C 136 30.92 1.80 -19.41
C TRP C 136 31.13 0.89 -20.62
N ASN C 137 30.07 0.21 -21.05
CA ASN C 137 30.09 -0.65 -22.23
C ASN C 137 29.66 0.20 -23.42
N ALA C 138 29.71 1.51 -23.24
CA ALA C 138 29.33 2.44 -24.29
C ALA C 138 30.53 3.21 -24.79
N PRO C 139 30.56 3.50 -26.11
CA PRO C 139 31.66 4.24 -26.72
C PRO C 139 31.47 5.73 -26.46
N MSE C 140 32.55 6.49 -26.45
CA MSE C 140 32.46 7.92 -26.20
C MSE C 140 31.48 8.64 -27.13
O MSE C 140 30.71 9.49 -26.70
CB MSE C 140 33.84 8.58 -26.30
CG MSE C 140 33.84 10.05 -25.96
SE MSE C 140 33.02 10.43 -24.24
CE MSE C 140 34.38 9.69 -23.10
N GLU C 141 31.51 8.30 -28.42
CA GLU C 141 30.63 8.94 -29.40
C GLU C 141 29.16 8.86 -29.01
N ALA C 142 28.81 7.89 -28.17
CA ALA C 142 27.42 7.75 -27.74
C ALA C 142 27.02 8.91 -26.83
N PHE C 143 28.02 9.49 -26.14
CA PHE C 143 27.80 10.61 -25.23
C PHE C 143 27.94 11.95 -25.95
N THR C 144 28.80 11.98 -26.95
CA THR C 144 29.03 13.19 -27.74
C THR C 144 28.19 13.04 -29.00
N GLU C 145 28.13 14.06 -29.83
CA GLU C 145 27.34 14.01 -31.04
C GLU C 145 25.84 14.00 -30.78
N LYS C 146 25.22 15.13 -31.09
CA LYS C 146 23.79 15.36 -30.91
C LYS C 146 22.87 14.28 -31.44
N ASP C 147 23.26 13.63 -32.53
CA ASP C 147 22.43 12.61 -33.16
C ASP C 147 22.39 11.23 -32.49
N GLN C 148 23.33 10.94 -31.59
CA GLN C 148 23.32 9.64 -30.95
C GLN C 148 22.45 9.47 -29.72
N PHE C 149 22.45 8.26 -29.16
CA PHE C 149 21.62 7.90 -28.02
C PHE C 149 21.37 8.99 -27.00
N PHE C 150 22.44 9.52 -26.43
CA PHE C 150 22.29 10.59 -25.47
C PHE C 150 22.20 11.80 -26.39
N HIS C 151 21.56 12.87 -25.96
CA HIS C 151 21.40 14.03 -26.81
C HIS C 151 22.65 14.88 -26.90
N GLY C 152 23.81 14.23 -26.93
CA GLY C 152 25.07 14.93 -27.00
C GLY C 152 25.37 15.69 -25.72
N VAL C 153 24.63 15.38 -24.65
CA VAL C 153 24.85 16.07 -23.38
C VAL C 153 26.16 15.70 -22.71
N GLY C 154 26.88 14.73 -23.26
CA GLY C 154 28.14 14.33 -22.66
C GLY C 154 28.01 13.43 -21.44
N VAL C 155 29.13 12.92 -20.95
CA VAL C 155 29.12 12.04 -19.79
C VAL C 155 28.55 12.74 -18.56
N ASP C 156 29.01 13.96 -18.30
CA ASP C 156 28.53 14.69 -17.15
C ASP C 156 27.05 15.02 -17.30
N GLY C 157 26.57 15.07 -18.54
CA GLY C 157 25.17 15.34 -18.77
C GLY C 157 24.36 14.14 -18.32
N VAL C 158 24.81 12.94 -18.68
CA VAL C 158 24.14 11.72 -18.29
C VAL C 158 24.14 11.59 -16.76
N TYR C 159 25.21 12.05 -16.12
CA TYR C 159 25.31 11.97 -14.66
C TYR C 159 24.87 13.23 -13.89
N LEU C 160 24.12 14.11 -14.54
CA LEU C 160 23.64 15.33 -13.89
C LEU C 160 23.01 15.08 -12.51
N PRO C 161 22.01 14.18 -12.43
CA PRO C 161 21.40 13.93 -11.13
C PRO C 161 22.38 13.46 -10.06
N PHE C 162 23.34 12.65 -10.47
CA PHE C 162 24.35 12.12 -9.55
C PHE C 162 25.23 13.28 -9.09
N HIS C 163 25.57 14.16 -10.01
CA HIS C 163 26.39 15.32 -9.66
C HIS C 163 25.62 16.19 -8.67
N LYS C 164 24.35 16.42 -8.97
CA LYS C 164 23.53 17.26 -8.11
C LYS C 164 23.30 16.70 -6.72
N ALA C 165 23.26 15.38 -6.57
CA ALA C 165 23.07 14.80 -5.25
C ALA C 165 24.26 15.20 -4.37
N ASN C 166 25.46 15.17 -4.94
CA ASN C 166 26.66 15.54 -4.20
C ASN C 166 26.73 17.04 -3.96
N GLN C 167 26.34 17.82 -4.96
CA GLN C 167 26.37 19.28 -4.84
C GLN C 167 25.33 19.79 -3.85
N PHE C 168 24.31 18.99 -3.58
CA PHE C 168 23.26 19.38 -2.64
C PHE C 168 23.84 19.47 -1.22
N LEU C 169 24.91 18.74 -0.97
CA LEU C 169 25.59 18.75 0.32
C LEU C 169 26.58 19.91 0.37
N GLY C 170 26.75 20.58 -0.78
CA GLY C 170 27.67 21.70 -0.85
C GLY C 170 29.02 21.38 -1.46
N MSE C 171 29.20 20.16 -1.93
CA MSE C 171 30.48 19.77 -2.53
C MSE C 171 30.65 20.21 -3.97
O MSE C 171 29.67 20.41 -4.69
CB MSE C 171 30.69 18.26 -2.40
CG MSE C 171 30.72 17.77 -0.95
SE MSE C 171 31.39 15.97 -0.70
CE MSE C 171 30.00 15.02 -1.63
N GLU C 172 31.91 20.36 -4.39
CA GLU C 172 32.25 20.79 -5.75
C GLU C 172 32.87 19.67 -6.56
N PRO C 173 32.54 19.59 -7.86
CA PRO C 173 33.08 18.54 -8.73
C PRO C 173 34.49 18.75 -9.26
N LEU C 174 35.14 17.63 -9.57
CA LEU C 174 36.49 17.59 -10.14
C LEU C 174 36.27 16.90 -11.49
N PRO C 175 37.21 17.05 -12.43
CA PRO C 175 37.07 16.41 -13.75
C PRO C 175 36.77 14.92 -13.70
N THR C 176 35.73 14.52 -14.43
CA THR C 176 35.30 13.13 -14.50
C THR C 176 36.23 12.26 -15.34
N PHE C 177 36.40 11.01 -14.92
CA PHE C 177 37.22 10.07 -15.68
C PHE C 177 36.32 8.92 -16.11
N ILE C 178 36.46 8.49 -17.35
CA ILE C 178 35.64 7.40 -17.84
C ILE C 178 36.38 6.46 -18.79
N ALA C 179 36.15 5.17 -18.61
CA ALA C 179 36.73 4.16 -19.46
C ALA C 179 35.54 3.70 -20.29
N ASN C 180 35.66 3.75 -21.62
CA ASN C 180 34.56 3.35 -22.50
C ASN C 180 34.72 2.00 -23.16
N ASP C 181 33.58 1.44 -23.58
CA ASP C 181 33.52 0.14 -24.24
C ASP C 181 34.49 -0.86 -23.65
N VAL C 182 34.47 -0.97 -22.32
CA VAL C 182 35.35 -1.86 -21.59
C VAL C 182 35.04 -3.34 -21.80
N ILE C 183 33.92 -3.64 -22.44
CA ILE C 183 33.54 -5.03 -22.69
C ILE C 183 33.95 -5.50 -24.08
N LYS C 184 33.69 -4.70 -25.10
CA LYS C 184 34.08 -5.07 -26.47
C LYS C 184 35.56 -4.80 -26.69
N MSE C 185 36.08 -3.80 -25.99
CA MSE C 185 37.49 -3.43 -26.10
C MSE C 185 38.15 -3.46 -24.73
O MSE C 185 38.62 -2.44 -24.24
CB MSE C 185 37.63 -2.02 -26.71
CG MSE C 185 37.16 -1.89 -28.15
SE MSE C 185 37.35 -0.06 -28.81
CE MSE C 185 39.22 -0.12 -29.28
N PRO C 186 38.20 -4.65 -24.09
CA PRO C 186 38.84 -4.71 -22.77
C PRO C 186 40.30 -4.30 -22.88
N ASP C 187 40.79 -3.53 -21.92
CA ASP C 187 42.19 -3.09 -21.97
C ASP C 187 42.66 -2.37 -20.71
N VAL C 188 43.10 -3.16 -19.72
CA VAL C 188 43.63 -2.65 -18.45
C VAL C 188 44.93 -3.42 -18.14
N PRO C 189 46.09 -2.73 -18.11
CA PRO C 189 46.49 -1.33 -18.31
C PRO C 189 45.82 -0.55 -19.42
N ARG C 190 46.26 0.69 -19.58
CA ARG C 190 45.72 1.64 -20.57
C ARG C 190 44.64 2.41 -19.84
N TYR C 191 43.54 1.74 -19.48
CA TYR C 191 42.49 2.41 -18.72
C TYR C 191 43.16 2.68 -17.37
N THR C 192 44.05 1.77 -16.99
CA THR C 192 44.79 1.90 -15.73
C THR C 192 45.78 3.05 -15.79
N GLU C 193 46.56 3.13 -16.86
CA GLU C 193 47.53 4.21 -16.97
C GLU C 193 46.85 5.55 -17.25
N GLU C 194 45.78 5.53 -18.04
CA GLU C 194 45.04 6.74 -18.34
C GLU C 194 44.43 7.31 -17.06
N TYR C 195 44.00 6.41 -16.18
CA TYR C 195 43.39 6.83 -14.91
C TYR C 195 44.45 7.40 -13.98
N ARG C 196 45.59 6.71 -13.87
CA ARG C 196 46.67 7.16 -13.02
C ARG C 196 47.10 8.55 -13.48
N LYS C 197 47.15 8.74 -14.79
CA LYS C 197 47.54 10.02 -15.38
C LYS C 197 46.50 11.10 -15.03
N HIS C 198 45.24 10.71 -15.08
CA HIS C 198 44.13 11.60 -14.75
C HIS C 198 44.30 12.05 -13.31
N LEU C 199 44.56 11.09 -12.43
CA LEU C 199 44.76 11.33 -11.01
C LEU C 199 45.96 12.21 -10.70
N VAL C 200 47.11 11.89 -11.30
CA VAL C 200 48.33 12.65 -11.06
C VAL C 200 48.15 14.13 -11.40
N GLU C 201 47.63 14.42 -12.59
CA GLU C 201 47.45 15.80 -12.99
C GLU C 201 46.47 16.56 -12.09
N ILE C 202 45.59 15.84 -11.42
CA ILE C 202 44.62 16.50 -10.54
C ILE C 202 45.06 16.58 -9.08
N PHE C 203 45.56 15.47 -8.55
CA PHE C 203 45.95 15.41 -7.14
C PHE C 203 47.45 15.47 -6.89
N GLY C 204 48.24 15.62 -7.95
CA GLY C 204 49.69 15.68 -7.78
C GLY C 204 50.24 17.10 -7.95
N HIS D 5 9.34 -9.49 -28.13
CA HIS D 5 8.92 -8.28 -28.90
C HIS D 5 7.62 -7.70 -28.37
N HIS D 6 7.01 -6.84 -29.17
CA HIS D 6 5.76 -6.20 -28.81
C HIS D 6 4.70 -6.38 -29.91
N HIS D 7 3.52 -6.83 -29.50
CA HIS D 7 2.42 -7.06 -30.44
C HIS D 7 1.55 -5.82 -30.50
N SER D 12 -7.99 -0.62 -26.64
CA SER D 12 -7.59 -0.56 -25.24
C SER D 12 -6.18 -1.09 -25.03
N SER D 13 -5.44 -0.44 -24.13
CA SER D 13 -4.05 -0.81 -23.86
C SER D 13 -3.87 -1.50 -22.52
N ASN D 14 -2.82 -2.30 -22.41
CA ASN D 14 -2.47 -2.98 -21.16
C ASN D 14 -1.48 -2.02 -20.54
N ILE D 15 -1.75 -1.59 -19.33
CA ILE D 15 -0.88 -0.64 -18.66
C ILE D 15 -0.32 -1.17 -17.35
N LEU D 16 1.00 -1.19 -17.24
CA LEU D 16 1.67 -1.64 -16.03
C LEU D 16 2.12 -0.42 -15.25
N ILE D 17 1.69 -0.31 -14.00
CA ILE D 17 2.10 0.82 -13.17
C ILE D 17 3.06 0.29 -12.11
N ILE D 18 4.26 0.86 -12.09
CA ILE D 18 5.26 0.45 -11.11
C ILE D 18 5.24 1.53 -10.04
N ASN D 19 4.73 1.16 -8.87
CA ASN D 19 4.62 2.09 -7.74
C ASN D 19 5.93 2.10 -6.97
N GLY D 20 6.62 3.23 -7.02
CA GLY D 20 7.90 3.35 -6.32
C GLY D 20 7.82 3.97 -4.94
N ALA D 21 6.63 3.96 -4.33
CA ALA D 21 6.43 4.52 -3.00
C ALA D 21 7.28 3.76 -1.98
N LYS D 22 7.73 4.46 -0.94
CA LYS D 22 8.55 3.84 0.09
C LYS D 22 8.75 4.77 1.29
N ASN D 32 2.48 8.70 -3.19
CA ASN D 32 2.57 7.91 -4.42
C ASN D 32 1.54 6.77 -4.43
N ASP D 33 1.16 6.30 -3.25
CA ASP D 33 0.14 5.24 -3.18
C ASP D 33 -1.16 5.83 -3.74
N THR D 34 -1.44 7.07 -3.36
CA THR D 34 -2.65 7.75 -3.81
C THR D 34 -2.67 7.97 -5.32
N LEU D 35 -1.57 8.48 -5.87
CA LEU D 35 -1.49 8.73 -7.30
C LEU D 35 -1.55 7.42 -8.10
N THR D 36 -1.05 6.34 -7.50
CA THR D 36 -1.11 5.04 -8.15
C THR D 36 -2.59 4.66 -8.26
N GLU D 37 -3.32 4.89 -7.18
CA GLU D 37 -4.76 4.59 -7.15
C GLU D 37 -5.53 5.45 -8.15
N VAL D 38 -5.12 6.69 -8.31
CA VAL D 38 -5.77 7.60 -9.26
C VAL D 38 -5.61 7.09 -10.69
N ALA D 39 -4.38 6.72 -11.05
CA ALA D 39 -4.10 6.21 -12.39
C ALA D 39 -4.87 4.91 -12.62
N ASP D 40 -4.80 4.00 -11.65
CA ASP D 40 -5.52 2.72 -11.74
C ASP D 40 -6.99 2.93 -12.08
N GLY D 41 -7.68 3.72 -11.25
CA GLY D 41 -9.09 3.98 -11.47
C GLY D 41 -9.37 4.76 -12.74
N THR D 42 -8.58 5.78 -13.03
CA THR D 42 -8.80 6.58 -14.22
C THR D 42 -8.61 5.79 -15.50
N LEU D 43 -7.50 5.05 -15.58
CA LEU D 43 -7.20 4.25 -16.76
C LEU D 43 -8.19 3.11 -17.00
N ARG D 44 -8.61 2.43 -15.94
CA ARG D 44 -9.58 1.35 -16.10
C ARG D 44 -10.91 1.91 -16.61
N ASP D 45 -11.27 3.11 -16.13
CA ASP D 45 -12.52 3.74 -16.57
C ASP D 45 -12.40 4.29 -17.99
N LEU D 46 -11.20 4.25 -18.56
CA LEU D 46 -10.99 4.68 -19.92
C LEU D 46 -10.90 3.45 -20.81
N GLY D 47 -11.21 2.30 -20.23
CA GLY D 47 -11.21 1.05 -20.97
C GLY D 47 -9.95 0.20 -20.93
N HIS D 48 -8.89 0.70 -20.32
CA HIS D 48 -7.64 -0.04 -20.27
C HIS D 48 -7.58 -1.09 -19.16
N ASP D 49 -6.66 -2.05 -19.33
CA ASP D 49 -6.45 -3.10 -18.36
C ASP D 49 -5.18 -2.69 -17.62
N VAL D 50 -5.20 -2.72 -16.30
CA VAL D 50 -4.04 -2.29 -15.55
C VAL D 50 -3.56 -3.28 -14.49
N ARG D 51 -2.24 -3.36 -14.36
CA ARG D 51 -1.58 -4.21 -13.39
C ARG D 51 -0.71 -3.28 -12.56
N ILE D 52 -0.62 -3.54 -11.28
CA ILE D 52 0.18 -2.72 -10.37
C ILE D 52 1.21 -3.61 -9.69
N VAL D 53 2.41 -3.07 -9.50
CA VAL D 53 3.46 -3.78 -8.79
C VAL D 53 4.23 -2.77 -7.97
N ARG D 54 4.53 -3.12 -6.73
CA ARG D 54 5.29 -2.22 -5.85
C ARG D 54 6.78 -2.50 -6.00
N ALA D 55 7.55 -1.48 -6.36
CA ALA D 55 8.99 -1.64 -6.53
C ALA D 55 9.67 -2.20 -5.28
N ASP D 56 9.29 -1.70 -4.11
CA ASP D 56 9.90 -2.15 -2.86
C ASP D 56 9.23 -3.41 -2.31
N SER D 57 9.12 -4.42 -3.17
CA SER D 57 8.53 -5.68 -2.77
C SER D 57 9.47 -6.78 -3.20
N ASP D 58 9.22 -8.00 -2.74
CA ASP D 58 10.07 -9.11 -3.13
C ASP D 58 9.56 -9.68 -4.46
N TYR D 59 9.56 -8.86 -5.49
CA TYR D 59 9.09 -9.30 -6.80
C TYR D 59 9.92 -10.45 -7.34
N ASP D 60 9.36 -11.13 -8.35
CA ASP D 60 10.02 -12.23 -9.00
C ASP D 60 10.41 -11.69 -10.37
N VAL D 61 11.71 -11.52 -10.61
CA VAL D 61 12.19 -10.98 -11.88
C VAL D 61 11.60 -11.63 -13.13
N LYS D 62 11.52 -12.96 -13.14
CA LYS D 62 10.95 -13.66 -14.30
C LYS D 62 9.54 -13.16 -14.60
N ALA D 63 8.72 -13.02 -13.56
CA ALA D 63 7.35 -12.56 -13.72
C ALA D 63 7.30 -11.12 -14.19
N GLU D 64 8.16 -10.26 -13.63
CA GLU D 64 8.18 -8.87 -14.03
C GLU D 64 8.56 -8.71 -15.50
N VAL D 65 9.44 -9.59 -16.00
CA VAL D 65 9.82 -9.52 -17.41
C VAL D 65 8.56 -9.83 -18.22
N GLN D 66 7.78 -10.81 -17.76
CA GLN D 66 6.54 -11.17 -18.45
C GLN D 66 5.53 -10.01 -18.35
N ASN D 67 5.65 -9.19 -17.31
CA ASN D 67 4.77 -8.04 -17.15
C ASN D 67 5.07 -6.99 -18.21
N PHE D 68 6.36 -6.79 -18.49
CA PHE D 68 6.77 -5.81 -19.49
C PHE D 68 6.37 -6.26 -20.91
N LEU D 69 6.55 -7.55 -21.19
CA LEU D 69 6.19 -8.08 -22.50
C LEU D 69 4.69 -7.94 -22.70
N TRP D 70 3.95 -8.02 -21.60
CA TRP D 70 2.48 -7.90 -21.59
C TRP D 70 2.01 -6.46 -21.82
N ALA D 71 2.61 -5.53 -21.08
CA ALA D 71 2.21 -4.12 -21.16
C ALA D 71 2.45 -3.38 -22.46
N ASP D 72 1.52 -2.48 -22.78
CA ASP D 72 1.62 -1.62 -23.96
C ASP D 72 2.26 -0.34 -23.45
N VAL D 73 1.98 -0.02 -22.19
CA VAL D 73 2.52 1.18 -21.55
C VAL D 73 2.97 0.88 -20.13
N VAL D 74 4.07 1.52 -19.72
CA VAL D 74 4.57 1.34 -18.36
C VAL D 74 4.66 2.71 -17.72
N ILE D 75 3.98 2.87 -16.60
CA ILE D 75 3.99 4.13 -15.87
C ILE D 75 4.85 3.98 -14.63
N TRP D 76 5.80 4.90 -14.46
CA TRP D 76 6.67 4.85 -13.30
C TRP D 76 6.23 5.93 -12.32
N GLN D 77 5.45 5.52 -11.32
CA GLN D 77 4.95 6.44 -10.30
C GLN D 77 5.99 6.42 -9.20
N MSE D 78 6.60 7.57 -8.92
CA MSE D 78 7.66 7.59 -7.93
C MSE D 78 8.08 8.96 -7.44
O MSE D 78 7.92 9.96 -8.14
CB MSE D 78 8.89 6.90 -8.52
CG MSE D 78 9.41 7.60 -9.79
SE MSE D 78 11.00 6.78 -10.55
CE MSE D 78 11.63 5.89 -8.99
N PRO D 79 8.64 9.02 -6.23
CA PRO D 79 9.10 10.29 -5.67
C PRO D 79 10.55 10.51 -6.09
N GLY D 80 11.01 11.75 -5.99
CA GLY D 80 12.40 12.02 -6.27
C GLY D 80 13.06 11.99 -4.90
N TRP D 81 14.09 11.17 -4.70
CA TRP D 81 14.74 11.10 -3.39
C TRP D 81 15.99 11.97 -3.31
N TRP D 82 17.03 11.54 -4.00
CA TRP D 82 18.28 12.27 -4.07
C TRP D 82 18.56 12.53 -5.55
N MSE D 83 17.67 13.34 -6.13
CA MSE D 83 17.71 13.77 -7.52
C MSE D 83 17.21 12.73 -8.51
O MSE D 83 17.29 12.95 -9.72
CB MSE D 83 19.12 14.22 -7.90
CG MSE D 83 19.74 15.23 -6.94
SE MSE D 83 18.53 16.65 -6.36
CE MSE D 83 18.93 16.59 -4.46
N GLY D 84 16.69 11.61 -8.02
CA GLY D 84 16.21 10.58 -8.91
C GLY D 84 15.45 9.43 -8.27
N ALA D 85 15.36 8.33 -9.00
CA ALA D 85 14.65 7.16 -8.52
C ALA D 85 15.22 6.62 -7.21
N PRO D 86 14.35 6.23 -6.26
CA PRO D 86 14.83 5.70 -4.99
C PRO D 86 15.58 4.41 -5.35
N TRP D 87 16.48 3.95 -4.48
CA TRP D 87 17.25 2.76 -4.79
C TRP D 87 16.42 1.51 -5.08
N THR D 88 15.22 1.42 -4.49
CA THR D 88 14.37 0.26 -4.73
C THR D 88 13.87 0.22 -6.16
N VAL D 89 13.72 1.38 -6.78
CA VAL D 89 13.26 1.45 -8.15
C VAL D 89 14.43 1.14 -9.07
N LYS D 90 15.62 1.60 -8.71
CA LYS D 90 16.79 1.32 -9.54
C LYS D 90 17.12 -0.17 -9.47
N LYS D 91 16.90 -0.78 -8.30
CA LYS D 91 17.16 -2.21 -8.15
C LYS D 91 16.17 -3.00 -8.99
N TYR D 92 14.93 -2.52 -9.04
CA TYR D 92 13.91 -3.17 -9.86
C TYR D 92 14.41 -3.15 -11.31
N ILE D 93 14.89 -1.99 -11.76
CA ILE D 93 15.41 -1.88 -13.11
C ILE D 93 16.65 -2.74 -13.33
N ASP D 94 17.59 -2.68 -12.39
CA ASP D 94 18.81 -3.46 -12.51
C ASP D 94 18.50 -4.96 -12.52
N ASP D 95 17.53 -5.39 -11.71
CA ASP D 95 17.16 -6.81 -11.67
C ASP D 95 16.37 -7.22 -12.90
N VAL D 96 15.25 -6.52 -13.14
CA VAL D 96 14.36 -6.83 -14.26
C VAL D 96 14.88 -6.59 -15.67
N PHE D 97 15.40 -5.40 -15.96
CA PHE D 97 15.91 -5.15 -17.31
C PHE D 97 17.03 -6.13 -17.66
N THR D 98 17.94 -6.36 -16.72
CA THR D 98 19.05 -7.27 -16.96
C THR D 98 18.52 -8.67 -17.24
N GLU D 99 17.52 -9.11 -16.47
CA GLU D 99 16.92 -10.43 -16.69
C GLU D 99 16.26 -10.39 -18.06
N GLY D 100 15.87 -9.18 -18.46
CA GLY D 100 15.22 -8.96 -19.74
C GLY D 100 16.11 -9.15 -20.96
N HIS D 101 17.38 -9.46 -20.76
CA HIS D 101 18.26 -9.69 -21.90
C HIS D 101 17.69 -10.88 -22.66
N GLY D 102 17.47 -10.72 -23.96
CA GLY D 102 16.91 -11.80 -24.75
C GLY D 102 15.42 -11.64 -25.03
N THR D 103 14.74 -10.86 -24.20
CA THR D 103 13.31 -10.63 -24.38
C THR D 103 13.02 -9.14 -24.59
N LEU D 104 13.49 -8.32 -23.65
CA LEU D 104 13.28 -6.87 -23.73
C LEU D 104 14.31 -6.18 -24.61
N TYR D 105 15.52 -6.74 -24.67
CA TYR D 105 16.57 -6.19 -25.51
C TYR D 105 17.54 -7.30 -25.94
N ALA D 106 18.12 -7.13 -27.12
CA ALA D 106 19.06 -8.11 -27.63
C ALA D 106 20.49 -7.72 -27.23
N SER D 107 20.78 -6.44 -27.38
CA SER D 107 22.10 -5.89 -27.07
C SER D 107 22.01 -4.38 -26.88
N LYS D 118 23.66 2.22 -33.89
CA LYS D 118 24.46 2.82 -32.84
C LYS D 118 24.02 2.31 -31.47
N TYR D 119 24.82 2.62 -30.45
CA TYR D 119 24.52 2.21 -29.08
C TYR D 119 23.13 2.68 -28.69
N GLY D 120 22.34 1.76 -28.12
CA GLY D 120 20.99 2.07 -27.70
C GLY D 120 19.92 1.64 -28.69
N SER D 121 20.34 0.97 -29.76
CA SER D 121 19.40 0.52 -30.78
C SER D 121 19.15 -0.98 -30.77
N GLY D 122 19.60 -1.66 -29.71
CA GLY D 122 19.41 -3.09 -29.62
C GLY D 122 18.11 -3.53 -28.97
N GLY D 123 17.19 -2.60 -28.78
CA GLY D 123 15.91 -2.93 -28.17
C GLY D 123 15.07 -3.91 -28.97
N LEU D 124 14.19 -4.63 -28.27
CA LEU D 124 13.33 -5.62 -28.91
C LEU D 124 11.85 -5.33 -28.70
N VAL D 125 11.53 -4.30 -27.91
CA VAL D 125 10.13 -3.97 -27.68
C VAL D 125 9.74 -2.57 -28.16
N GLN D 126 10.29 -2.16 -29.31
CA GLN D 126 9.94 -0.84 -29.84
C GLN D 126 8.43 -0.88 -30.06
N GLY D 127 7.75 0.22 -29.74
CA GLY D 127 6.31 0.25 -29.90
C GLY D 127 5.68 0.48 -28.53
N LYS D 128 6.27 -0.11 -27.50
CA LYS D 128 5.76 0.06 -26.14
C LYS D 128 6.05 1.49 -25.70
N LYS D 129 5.22 2.01 -24.81
CA LYS D 129 5.39 3.37 -24.31
C LYS D 129 5.65 3.34 -22.81
N TYR D 130 6.27 4.40 -22.30
CA TYR D 130 6.52 4.48 -20.87
C TYR D 130 6.30 5.93 -20.48
N MSE D 131 5.97 6.17 -19.22
CA MSE D 131 5.72 7.53 -18.75
C MSE D 131 6.18 7.69 -17.32
O MSE D 131 6.08 6.76 -16.52
CB MSE D 131 4.22 7.84 -18.85
CG MSE D 131 3.85 9.29 -18.47
SE MSE D 131 1.91 9.59 -18.32
CE MSE D 131 1.69 8.99 -16.49
N LEU D 132 6.70 8.86 -17.00
CA LEU D 132 7.15 9.14 -15.63
C LEU D 132 6.09 9.99 -14.92
N SER D 133 5.78 9.62 -13.69
CA SER D 133 4.82 10.36 -12.87
C SER D 133 5.58 10.56 -11.56
N LEU D 134 6.05 11.79 -11.35
CA LEU D 134 6.89 12.09 -10.20
C LEU D 134 6.32 13.01 -9.13
N THR D 135 6.87 12.91 -7.93
CA THR D 135 6.49 13.75 -6.80
C THR D 135 7.83 14.24 -6.26
N TRP D 136 7.97 15.56 -6.14
CA TRP D 136 9.24 16.13 -5.70
C TRP D 136 9.07 17.27 -4.70
N ASN D 137 10.03 17.41 -3.79
CA ASN D 137 9.98 18.49 -2.81
C ASN D 137 10.33 19.83 -3.46
N ALA D 138 11.32 19.82 -4.35
CA ALA D 138 11.75 21.04 -5.02
C ALA D 138 10.65 21.68 -5.86
N PRO D 139 10.70 23.02 -6.01
CA PRO D 139 9.72 23.77 -6.80
C PRO D 139 10.09 23.70 -8.28
N MSE D 140 9.11 23.86 -9.15
CA MSE D 140 9.37 23.80 -10.59
C MSE D 140 10.48 24.76 -11.03
O MSE D 140 11.22 24.46 -11.97
CB MSE D 140 8.10 24.07 -11.38
CG MSE D 140 8.26 23.97 -12.90
SE MSE D 140 8.89 22.23 -13.54
CE MSE D 140 7.24 21.24 -13.38
N GLU D 141 10.61 25.91 -10.36
CA GLU D 141 11.62 26.90 -10.73
C GLU D 141 13.04 26.34 -10.63
N ALA D 142 13.23 25.35 -9.76
CA ALA D 142 14.54 24.74 -9.59
C ALA D 142 14.97 24.01 -10.86
N PHE D 143 14.00 23.61 -11.68
CA PHE D 143 14.27 22.89 -12.91
C PHE D 143 14.30 23.75 -14.18
N THR D 144 13.56 24.86 -14.17
CA THR D 144 13.45 25.73 -15.33
C THR D 144 14.34 26.97 -15.39
N GLU D 145 14.65 27.55 -14.24
CA GLU D 145 15.48 28.76 -14.21
C GLU D 145 16.94 28.42 -14.47
N LYS D 146 17.48 28.97 -15.56
CA LYS D 146 18.85 28.71 -15.96
C LYS D 146 19.93 29.03 -14.94
N ASP D 147 19.66 29.98 -14.05
CA ASP D 147 20.65 30.32 -13.04
C ASP D 147 20.45 29.51 -11.76
N GLN D 148 19.54 28.55 -11.80
CA GLN D 148 19.29 27.72 -10.63
C GLN D 148 19.93 26.34 -10.64
N PHE D 149 19.76 25.62 -9.54
CA PHE D 149 20.37 24.31 -9.33
C PHE D 149 20.52 23.37 -10.51
N PHE D 150 19.48 23.22 -11.33
CA PHE D 150 19.57 22.30 -12.46
C PHE D 150 19.92 22.92 -13.82
N HIS D 151 20.49 24.11 -13.79
CA HIS D 151 20.90 24.80 -15.02
C HIS D 151 19.80 24.88 -16.07
N GLY D 152 18.56 24.85 -15.60
CA GLY D 152 17.41 24.94 -16.50
C GLY D 152 17.22 23.81 -17.49
N VAL D 153 17.82 22.65 -17.21
CA VAL D 153 17.67 21.51 -18.13
C VAL D 153 16.26 20.93 -18.08
N GLY D 154 15.50 21.27 -17.05
CA GLY D 154 14.14 20.77 -16.94
C GLY D 154 13.99 19.42 -16.26
N VAL D 155 12.76 19.09 -15.92
CA VAL D 155 12.45 17.83 -15.25
C VAL D 155 13.02 16.66 -16.06
N ASP D 156 12.66 16.59 -17.34
CA ASP D 156 13.13 15.51 -18.20
C ASP D 156 14.64 15.51 -18.37
N GLY D 157 15.26 16.67 -18.23
CA GLY D 157 16.69 16.74 -18.36
C GLY D 157 17.31 16.00 -17.18
N VAL D 158 16.78 16.27 -15.99
CA VAL D 158 17.28 15.61 -14.79
C VAL D 158 17.07 14.10 -14.86
N TYR D 159 15.98 13.69 -15.49
CA TYR D 159 15.66 12.26 -15.62
C TYR D 159 16.15 11.61 -16.90
N LEU D 160 17.08 12.27 -17.60
CA LEU D 160 17.61 11.72 -18.85
C LEU D 160 18.10 10.27 -18.74
N PRO D 161 18.90 9.95 -17.71
CA PRO D 161 19.34 8.55 -17.64
C PRO D 161 18.20 7.56 -17.45
N PHE D 162 17.17 7.96 -16.70
CA PHE D 162 16.03 7.09 -16.46
C PHE D 162 15.30 6.87 -17.79
N HIS D 163 15.06 7.96 -18.52
CA HIS D 163 14.41 7.88 -19.81
C HIS D 163 15.18 6.94 -20.73
N LYS D 164 16.49 7.12 -20.78
CA LYS D 164 17.33 6.29 -21.65
C LYS D 164 17.34 4.82 -21.28
N ALA D 165 17.24 4.52 -19.99
CA ALA D 165 17.22 3.12 -19.58
C ALA D 165 16.01 2.46 -20.26
N ASN D 166 14.88 3.16 -20.24
CA ASN D 166 13.66 2.66 -20.85
C ASN D 166 13.78 2.65 -22.36
N GLN D 167 14.40 3.68 -22.93
CA GLN D 167 14.57 3.78 -24.37
C GLN D 167 15.54 2.74 -24.91
N PHE D 168 16.38 2.19 -24.03
CA PHE D 168 17.35 1.19 -24.45
C PHE D 168 16.61 -0.06 -24.93
N LEU D 169 15.49 -0.34 -24.28
CA LEU D 169 14.66 -1.49 -24.62
C LEU D 169 13.83 -1.21 -25.88
N GLY D 170 13.90 0.03 -26.36
CA GLY D 170 13.14 0.40 -27.55
C GLY D 170 11.86 1.14 -27.25
N MSE D 171 11.55 1.34 -25.97
CA MSE D 171 10.31 2.03 -25.62
C MSE D 171 10.39 3.54 -25.87
O MSE D 171 11.48 4.12 -25.92
CB MSE D 171 9.93 1.71 -24.17
CG MSE D 171 9.48 0.25 -24.03
SE MSE D 171 8.82 -0.30 -22.31
CE MSE D 171 7.05 0.41 -22.38
N GLU D 172 9.22 4.14 -26.08
CA GLU D 172 9.12 5.58 -26.35
C GLU D 172 8.38 6.30 -25.23
N PRO D 173 8.81 7.52 -24.90
CA PRO D 173 8.22 8.33 -23.83
C PRO D 173 6.93 9.09 -24.14
N LEU D 174 6.09 9.16 -23.11
CA LEU D 174 4.84 9.91 -23.16
C LEU D 174 5.12 11.09 -22.24
N PRO D 175 4.33 12.16 -22.34
CA PRO D 175 4.53 13.36 -21.51
C PRO D 175 4.59 13.10 -20.01
N THR D 176 5.68 13.57 -19.39
CA THR D 176 5.92 13.41 -17.96
C THR D 176 4.97 14.24 -17.11
N PHE D 177 4.57 13.69 -15.97
CA PHE D 177 3.73 14.41 -15.04
C PHE D 177 4.50 14.54 -13.74
N ILE D 178 4.39 15.69 -13.09
CA ILE D 178 5.10 15.90 -11.84
C ILE D 178 4.37 16.83 -10.87
N ALA D 179 4.48 16.51 -9.59
CA ALA D 179 3.90 17.32 -8.53
C ALA D 179 5.10 17.91 -7.78
N ASN D 180 5.25 19.23 -7.86
CA ASN D 180 6.37 19.90 -7.21
C ASN D 180 6.03 20.43 -5.82
N ASP D 181 7.08 20.67 -5.04
CA ASP D 181 6.98 21.19 -3.68
C ASP D 181 5.83 20.53 -2.91
N VAL D 182 5.80 19.21 -2.96
CA VAL D 182 4.75 18.45 -2.29
C VAL D 182 4.94 18.40 -0.78
N ILE D 183 6.04 18.97 -0.30
CA ILE D 183 6.32 18.97 1.14
C ILE D 183 5.93 20.29 1.82
N LYS D 184 6.62 21.37 1.47
CA LYS D 184 6.35 22.67 2.07
C LYS D 184 5.00 23.26 1.69
N MSE D 185 4.46 22.84 0.55
CA MSE D 185 3.16 23.35 0.10
C MSE D 185 2.31 22.24 -0.50
O MSE D 185 2.05 22.20 -1.70
CB MSE D 185 3.38 24.46 -0.94
CG MSE D 185 4.07 25.70 -0.38
SE MSE D 185 4.42 27.07 -1.71
CE MSE D 185 2.70 27.96 -1.70
N PRO D 186 1.85 21.30 0.35
CA PRO D 186 1.01 20.16 -0.05
C PRO D 186 -0.29 20.59 -0.70
N ASP D 187 -0.90 19.68 -1.46
CA ASP D 187 -2.17 19.96 -2.14
C ASP D 187 -2.61 18.72 -2.93
N VAL D 188 -2.87 17.64 -2.20
CA VAL D 188 -3.30 16.39 -2.83
C VAL D 188 -4.46 16.57 -3.82
N PRO D 189 -5.53 17.26 -3.39
CA PRO D 189 -6.66 17.45 -4.30
C PRO D 189 -6.21 18.06 -5.62
N ARG D 190 -5.31 19.02 -5.55
CA ARG D 190 -4.80 19.67 -6.75
C ARG D 190 -3.99 18.67 -7.57
N TYR D 191 -3.11 17.92 -6.90
CA TYR D 191 -2.28 16.94 -7.61
C TYR D 191 -3.13 15.84 -8.23
N THR D 192 -4.14 15.39 -7.50
CA THR D 192 -5.02 14.33 -8.00
C THR D 192 -5.72 14.78 -9.27
N GLU D 193 -6.36 15.94 -9.20
CA GLU D 193 -7.09 16.49 -10.34
C GLU D 193 -6.16 16.77 -11.52
N GLU D 194 -5.01 17.37 -11.23
CA GLU D 194 -4.03 17.69 -12.25
C GLU D 194 -3.57 16.42 -12.97
N TYR D 195 -3.38 15.35 -12.21
CA TYR D 195 -2.93 14.09 -12.78
C TYR D 195 -4.02 13.39 -13.60
N ARG D 196 -5.25 13.44 -13.11
CA ARG D 196 -6.35 12.80 -13.82
C ARG D 196 -6.53 13.44 -15.20
N LYS D 197 -6.47 14.77 -15.27
CA LYS D 197 -6.61 15.45 -16.55
C LYS D 197 -5.46 15.07 -17.49
N HIS D 198 -4.26 14.96 -16.91
CA HIS D 198 -3.07 14.60 -17.68
C HIS D 198 -3.29 13.22 -18.33
N LEU D 199 -3.80 12.28 -17.54
CA LEU D 199 -4.06 10.92 -18.01
C LEU D 199 -5.14 10.82 -19.09
N VAL D 200 -6.24 11.55 -18.90
CA VAL D 200 -7.31 11.50 -19.89
C VAL D 200 -6.86 12.07 -21.23
N GLU D 201 -6.05 13.13 -21.18
CA GLU D 201 -5.57 13.77 -22.39
C GLU D 201 -4.59 12.88 -23.15
N ILE D 202 -3.94 11.97 -22.44
CA ILE D 202 -2.97 11.08 -23.07
C ILE D 202 -3.52 9.70 -23.41
N PHE D 203 -4.29 9.12 -22.50
CA PHE D 203 -4.86 7.80 -22.71
C PHE D 203 -6.35 7.78 -23.03
N GLY D 204 -6.94 8.96 -23.20
CA GLY D 204 -8.35 9.03 -23.50
C GLY D 204 -8.63 9.03 -24.99
#